data_2W3P
#
_entry.id   2W3P
#
_cell.length_a   85.159
_cell.length_b   99.847
_cell.length_c   136.734
_cell.angle_alpha   90.00
_cell.angle_beta   90.00
_cell.angle_gamma   90.00
#
_symmetry.space_group_name_H-M   'P 21 21 21'
#
loop_
_entity.id
_entity.type
_entity.pdbx_description
1 polymer 'BENZOYL-COA-DIHYDRODIOL LYASE'
2 non-polymer BETA-MERCAPTOETHANOL
3 non-polymer GLYCEROL
4 water water
#
_entity_poly.entity_id   1
_entity_poly.type   'polypeptide(L)'
_entity_poly.pdbx_seq_one_letter_code
;MSTAETAVAPVDYRTDPSQYKHWKLSFNGPVATLGIDIAEDGGIRDGYKLKLNSYDLGVDIELHDAIQRIRFEHPEVRTV
VLTSLKDRVFCSGANIFMLGLSTHAWKVNFCKFTNETRNGLEDSSRHSGLKFLAAVNGACAGGGYELALACDEIYLVDDR
SSSVSLPEVPLLGVLPGTGGLTRVTDKRKVRHDRADIFCTVVEGVRGERAKAWRLVDEVVKPNQFDQAIQARALELAAQS
DRPAHAQGVPLTRIERTDREDGLTYKTLDVTIDRAKRIATFTAKAPQTEPPASIDAIVAAGANWWPLKFAREFDDAILSM
RTNELAVGTWVFRTEGDARHLLAADASLMQHKDHWFVRETIGLLRRTLARIDVSSRSLFALIEPGSCFAGTFAELAFAAD
RTYMAALPANEDEEPAITLSEVNFGLYPMVTHQSRLARRFYEETEPLDAVRSRIGQAIKPVEAERLGLVTASPDDIDWAD
EIRIALEERAAMSPDALTGLEANLRFNGPETMETRIFGRLTAWQNWIFNRPNAVGEKGALKVYGKGSKAQFDVSRV
;
_entity_poly.pdbx_strand_id   A,B
#
loop_
_chem_comp.id
_chem_comp.type
_chem_comp.name
_chem_comp.formula
BME non-polymer BETA-MERCAPTOETHANOL 'C2 H6 O S'
GOL non-polymer GLYCEROL 'C3 H8 O3'
#
# COMPACT_ATOMS: atom_id res chain seq x y z
N PRO A 10 23.27 17.57 -13.44
CA PRO A 10 23.03 17.00 -12.11
C PRO A 10 22.43 18.01 -11.13
N VAL A 11 21.63 17.50 -10.21
CA VAL A 11 21.05 18.32 -9.16
C VAL A 11 21.98 18.42 -7.96
N ASP A 12 22.14 19.64 -7.46
CA ASP A 12 22.85 19.89 -6.22
C ASP A 12 21.80 20.35 -5.20
N TYR A 13 21.66 19.60 -4.11
CA TYR A 13 20.66 19.92 -3.07
C TYR A 13 21.16 20.97 -2.06
N ARG A 14 22.43 21.37 -2.15
CA ARG A 14 22.95 22.34 -1.20
C ARG A 14 22.57 23.78 -1.57
N THR A 15 22.05 24.51 -0.58
CA THR A 15 21.76 25.93 -0.75
C THR A 15 21.76 26.64 0.60
N ASP A 16 21.43 27.93 0.61
CA ASP A 16 21.36 28.69 1.85
C ASP A 16 20.52 29.94 1.57
N PRO A 17 20.04 30.62 2.63
CA PRO A 17 19.09 31.73 2.41
C PRO A 17 19.60 32.84 1.48
N SER A 18 20.91 33.08 1.49
CA SER A 18 21.45 34.10 0.59
C SER A 18 21.22 33.78 -0.88
N GLN A 19 20.98 32.50 -1.18
CA GLN A 19 20.80 32.04 -2.55
C GLN A 19 19.33 31.80 -2.91
N TYR A 20 18.42 31.88 -1.94
CA TYR A 20 17.05 31.48 -2.29
C TYR A 20 16.45 32.35 -3.39
N LYS A 21 15.81 31.71 -4.35
CA LYS A 21 15.01 32.41 -5.35
C LYS A 21 13.53 32.51 -4.98
N HIS A 22 13.07 31.58 -4.15
CA HIS A 22 11.65 31.29 -4.07
C HIS A 22 10.98 31.52 -2.72
N TRP A 23 11.78 31.78 -1.67
CA TRP A 23 11.27 31.83 -0.29
C TRP A 23 11.87 33.01 0.44
N LYS A 24 11.10 33.58 1.35
CA LYS A 24 11.61 34.60 2.24
C LYS A 24 11.38 34.17 3.67
N LEU A 25 12.42 34.23 4.48
CA LEU A 25 12.30 33.93 5.93
C LEU A 25 12.37 35.20 6.76
N SER A 26 11.43 35.35 7.68
CA SER A 26 11.35 36.51 8.56
C SER A 26 11.23 36.01 10.01
N PHE A 27 11.98 36.60 10.93
CA PHE A 27 12.03 36.11 12.33
C PHE A 27 11.55 37.19 13.29
N ASN A 28 10.37 36.96 13.86
CA ASN A 28 9.78 37.89 14.81
C ASN A 28 9.61 37.18 16.16
N GLY A 29 10.64 37.22 16.99
CA GLY A 29 10.57 36.52 18.26
C GLY A 29 10.26 35.04 18.05
N PRO A 30 9.19 34.52 18.70
CA PRO A 30 8.94 33.08 18.61
C PRO A 30 8.27 32.64 17.32
N VAL A 31 7.94 33.58 16.46
CA VAL A 31 7.26 33.26 15.20
C VAL A 31 8.12 33.54 13.97
N ALA A 32 8.47 32.50 13.22
CA ALA A 32 9.12 32.64 11.92
C ALA A 32 8.05 32.65 10.84
N THR A 33 8.15 33.59 9.91
CA THR A 33 7.28 33.56 8.75
C THR A 33 8.06 33.08 7.55
N LEU A 34 7.53 32.03 6.93
CA LEU A 34 8.12 31.45 5.73
C LEU A 34 7.20 31.80 4.57
N GLY A 35 7.64 32.77 3.76
CA GLY A 35 6.82 33.34 2.71
C GLY A 35 7.09 32.72 1.37
N ILE A 36 6.04 32.20 0.75
CA ILE A 36 6.16 31.64 -0.60
C ILE A 36 6.20 32.76 -1.63
N ASP A 37 7.32 32.88 -2.34
CA ASP A 37 7.47 33.94 -3.33
C ASP A 37 8.23 33.41 -4.54
N ILE A 38 7.61 32.49 -5.25
CA ILE A 38 8.31 31.72 -6.27
C ILE A 38 8.67 32.55 -7.50
N ALA A 39 9.93 32.44 -7.89
CA ALA A 39 10.46 33.14 -9.08
C ALA A 39 10.03 32.43 -10.35
N GLU A 40 9.22 33.11 -11.16
CA GLU A 40 8.69 32.53 -12.40
C GLU A 40 9.79 32.02 -13.33
N ASP A 41 10.93 32.72 -13.36
CA ASP A 41 12.00 32.36 -14.28
C ASP A 41 13.04 31.46 -13.62
N GLY A 42 12.73 30.92 -12.44
CA GLY A 42 13.72 30.21 -11.64
C GLY A 42 13.61 28.68 -11.66
N GLY A 43 13.04 28.13 -12.72
CA GLY A 43 12.91 26.69 -12.85
C GLY A 43 14.25 25.99 -12.82
N ILE A 44 14.28 24.83 -12.18
CA ILE A 44 15.53 24.05 -12.07
C ILE A 44 15.92 23.38 -13.38
N ARG A 45 14.92 23.15 -14.24
CA ARG A 45 15.14 22.64 -15.60
C ARG A 45 14.45 23.58 -16.58
N ASP A 46 14.79 23.46 -17.85
CA ASP A 46 14.31 24.43 -18.82
C ASP A 46 12.93 24.05 -19.32
N GLY A 47 12.26 25.02 -19.95
CA GLY A 47 11.09 24.73 -20.75
C GLY A 47 9.77 25.12 -20.14
N TYR A 48 9.79 25.68 -18.93
CA TYR A 48 8.56 26.11 -18.28
C TYR A 48 8.81 27.32 -17.39
N LYS A 49 7.75 28.11 -17.18
CA LYS A 49 7.74 29.17 -16.19
C LYS A 49 7.04 28.64 -14.97
N LEU A 50 7.38 29.17 -13.80
CA LEU A 50 6.71 28.81 -12.53
C LEU A 50 5.75 29.93 -12.13
N LYS A 51 4.62 30.01 -12.84
CA LYS A 51 3.66 31.08 -12.58
C LYS A 51 2.77 30.78 -11.36
N LEU A 52 2.26 31.84 -10.73
CA LEU A 52 1.26 31.73 -9.66
C LEU A 52 1.69 30.79 -8.53
N ASN A 53 2.92 30.95 -8.05
CA ASN A 53 3.43 30.12 -6.94
C ASN A 53 3.17 28.64 -7.25
N SER A 54 3.50 28.21 -8.45
CA SER A 54 3.60 26.78 -8.73
C SER A 54 5.07 26.37 -8.57
N TYR A 55 5.31 25.09 -8.33
CA TYR A 55 6.64 24.67 -7.92
C TYR A 55 7.26 23.48 -8.67
N ASP A 56 8.56 23.36 -8.49
CA ASP A 56 9.34 22.27 -9.06
C ASP A 56 10.35 21.79 -8.02
N LEU A 57 11.26 20.89 -8.41
CA LEU A 57 12.19 20.33 -7.42
C LEU A 57 13.03 21.38 -6.74
N GLY A 58 13.45 22.40 -7.49
CA GLY A 58 14.28 23.48 -6.93
C GLY A 58 13.58 24.27 -5.84
N VAL A 59 12.29 24.54 -6.03
CA VAL A 59 11.51 25.20 -5.00
C VAL A 59 11.53 24.36 -3.72
N ASP A 60 11.37 23.04 -3.86
CA ASP A 60 11.39 22.18 -2.66
C ASP A 60 12.76 22.04 -2.01
N ILE A 61 13.80 22.06 -2.80
CA ILE A 61 15.15 22.03 -2.26
C ILE A 61 15.37 23.22 -1.33
N GLU A 62 14.88 24.40 -1.72
CA GLU A 62 14.94 25.58 -0.86
C GLU A 62 14.06 25.43 0.38
N LEU A 63 12.85 24.89 0.22
CA LEU A 63 11.95 24.68 1.34
C LEU A 63 12.61 23.77 2.39
N HIS A 64 13.18 22.65 1.91
CA HIS A 64 13.86 21.71 2.80
C HIS A 64 14.96 22.44 3.59
N ASP A 65 15.76 23.24 2.87
CA ASP A 65 16.80 23.99 3.54
C ASP A 65 16.25 24.94 4.58
N ALA A 66 15.20 25.68 4.20
CA ALA A 66 14.61 26.67 5.10
C ALA A 66 14.13 26.04 6.40
N ILE A 67 13.47 24.88 6.32
CA ILE A 67 13.03 24.24 7.55
C ILE A 67 14.25 23.81 8.37
N GLN A 68 15.30 23.36 7.70
CA GLN A 68 16.52 23.00 8.41
C GLN A 68 17.11 24.21 9.15
N ARG A 69 17.09 25.38 8.50
CA ARG A 69 17.61 26.60 9.13
C ARG A 69 16.79 26.95 10.38
N ILE A 70 15.47 26.82 10.29
CA ILE A 70 14.63 27.09 11.44
C ILE A 70 14.97 26.14 12.58
N ARG A 71 15.08 24.85 12.25
CA ARG A 71 15.37 23.83 13.26
C ARG A 71 16.65 24.12 14.05
N PHE A 72 17.73 24.39 13.32
CA PHE A 72 19.07 24.45 13.92
C PHE A 72 19.54 25.85 14.25
N GLU A 73 19.15 26.82 13.42
CA GLU A 73 19.65 28.17 13.61
C GLU A 73 18.75 29.04 14.47
N HIS A 74 17.54 28.54 14.78
CA HIS A 74 16.54 29.32 15.49
C HIS A 74 15.87 28.63 16.66
N PRO A 75 16.64 28.34 17.72
CA PRO A 75 16.09 27.79 18.94
C PRO A 75 14.95 28.65 19.51
N GLU A 76 14.96 29.95 19.20
CA GLU A 76 13.97 30.86 19.77
C GLU A 76 12.63 30.74 19.07
N VAL A 77 12.64 30.16 17.87
CA VAL A 77 11.40 30.06 17.11
C VAL A 77 10.59 28.85 17.59
N ARG A 78 9.28 29.02 17.70
CA ARG A 78 8.41 27.96 18.19
C ARG A 78 7.28 27.65 17.23
N THR A 79 6.89 28.65 16.45
CA THR A 79 5.86 28.48 15.41
C THR A 79 6.35 29.05 14.10
N VAL A 80 6.07 28.29 13.05
CA VAL A 80 6.38 28.70 11.69
C VAL A 80 5.07 28.95 10.98
N VAL A 81 4.86 30.20 10.54
CA VAL A 81 3.72 30.57 9.71
C VAL A 81 4.12 30.46 8.25
N LEU A 82 3.43 29.59 7.52
CA LEU A 82 3.64 29.45 6.08
C LEU A 82 2.59 30.31 5.39
N THR A 83 3.04 31.25 4.58
CA THR A 83 2.08 32.10 3.89
C THR A 83 2.62 32.56 2.55
N SER A 84 1.75 33.12 1.71
CA SER A 84 2.19 33.58 0.40
C SER A 84 2.48 35.08 0.37
N LEU A 85 3.49 35.47 -0.41
CA LEU A 85 3.78 36.90 -0.60
C LEU A 85 3.24 37.38 -1.95
N LYS A 86 2.48 36.54 -2.64
CA LYS A 86 1.80 36.93 -3.88
C LYS A 86 0.31 37.19 -3.65
N ASP A 87 -0.23 38.19 -4.33
CA ASP A 87 -1.63 38.51 -4.13
C ASP A 87 -2.45 37.48 -4.89
N ARG A 88 -3.60 37.12 -4.35
CA ARG A 88 -4.54 36.24 -5.06
C ARG A 88 -4.27 34.75 -4.87
N VAL A 89 -3.00 34.39 -4.65
CA VAL A 89 -2.64 32.98 -4.72
C VAL A 89 -1.78 32.61 -3.52
N PHE A 90 -2.06 31.48 -2.90
CA PHE A 90 -1.20 30.93 -1.82
C PHE A 90 -0.16 30.05 -2.53
N CYS A 91 -0.64 28.98 -3.17
CA CYS A 91 0.24 28.08 -3.90
C CYS A 91 -0.61 27.28 -4.87
N SER A 92 -0.21 27.24 -6.13
CA SER A 92 -1.01 26.56 -7.15
C SER A 92 -0.54 25.12 -7.46
N GLY A 93 0.44 24.63 -6.69
CA GLY A 93 0.81 23.22 -6.77
C GLY A 93 2.03 22.95 -7.61
N ALA A 94 2.32 21.66 -7.83
CA ALA A 94 3.44 21.30 -8.70
C ALA A 94 3.13 21.85 -10.10
N ASN A 95 4.11 22.46 -10.74
CA ASN A 95 3.89 23.06 -12.05
C ASN A 95 3.54 22.01 -13.14
N ILE A 96 2.42 22.22 -13.82
CA ILE A 96 1.89 21.23 -14.74
C ILE A 96 2.77 21.09 -15.97
N PHE A 97 3.29 22.21 -16.47
CA PHE A 97 4.18 22.17 -17.62
C PHE A 97 5.44 21.40 -17.28
N MET A 98 5.97 21.64 -16.08
CA MET A 98 7.15 20.92 -15.63
C MET A 98 6.86 19.40 -15.55
N LEU A 99 5.68 19.03 -15.06
CA LEU A 99 5.33 17.62 -14.95
C LEU A 99 5.26 16.98 -16.34
N GLY A 100 4.65 17.67 -17.29
CA GLY A 100 4.51 17.14 -18.64
C GLY A 100 5.84 16.93 -19.35
N LEU A 101 6.82 17.73 -18.96
CA LEU A 101 8.15 17.72 -19.59
C LEU A 101 9.14 16.80 -18.90
N SER A 102 8.74 16.23 -17.76
CA SER A 102 9.64 15.42 -16.95
C SER A 102 9.58 13.95 -17.31
N THR A 103 10.71 13.26 -17.18
CA THR A 103 10.71 11.82 -17.37
C THR A 103 9.97 11.15 -16.22
N HIS A 104 9.60 9.90 -16.43
CA HIS A 104 8.97 9.09 -15.39
C HIS A 104 9.85 9.08 -14.12
N ALA A 105 11.12 8.73 -14.28
CA ALA A 105 12.01 8.68 -13.11
C ALA A 105 12.12 10.04 -12.42
N TRP A 106 12.16 11.13 -13.19
CA TRP A 106 12.24 12.44 -12.58
C TRP A 106 10.98 12.71 -11.75
N LYS A 107 9.82 12.40 -12.31
CA LYS A 107 8.57 12.59 -11.55
C LYS A 107 8.56 11.80 -10.25
N VAL A 108 8.96 10.54 -10.33
CA VAL A 108 8.93 9.67 -9.14
C VAL A 108 9.91 10.18 -8.06
N ASN A 109 11.10 10.62 -8.45
CA ASN A 109 11.99 11.21 -7.47
C ASN A 109 11.42 12.50 -6.88
N PHE A 110 10.82 13.30 -7.74
CA PHE A 110 10.23 14.58 -7.30
C PHE A 110 9.13 14.36 -6.28
N CYS A 111 8.24 13.41 -6.56
CA CYS A 111 7.20 13.02 -5.59
C CYS A 111 7.81 12.55 -4.28
N LYS A 112 8.83 11.71 -4.36
CA LYS A 112 9.41 11.12 -3.14
C LYS A 112 10.07 12.19 -2.27
N PHE A 113 10.89 13.05 -2.90
CA PHE A 113 11.60 14.08 -2.13
C PHE A 113 10.62 15.07 -1.53
N THR A 114 9.66 15.53 -2.34
CA THR A 114 8.67 16.46 -1.81
C THR A 114 7.83 15.84 -0.69
N ASN A 115 7.54 14.54 -0.81
CA ASN A 115 6.86 13.85 0.27
C ASN A 115 7.69 13.84 1.53
N GLU A 116 9.00 13.64 1.41
CA GLU A 116 9.83 13.63 2.62
C GLU A 116 9.95 15.00 3.27
N THR A 117 9.98 16.05 2.44
CA THR A 117 10.03 17.40 3.00
C THR A 117 8.79 17.66 3.86
N ARG A 118 7.63 17.25 3.37
CA ARG A 118 6.38 17.42 4.11
C ARG A 118 6.29 16.52 5.32
N ASN A 119 6.68 15.25 5.16
CA ASN A 119 6.72 14.37 6.33
C ASN A 119 7.61 14.97 7.42
N GLY A 120 8.65 15.68 6.99
CA GLY A 120 9.57 16.32 7.93
C GLY A 120 8.97 17.43 8.78
N LEU A 121 7.95 18.12 8.25
CA LEU A 121 7.23 19.12 9.05
C LEU A 121 6.58 18.43 10.26
N GLU A 122 5.88 17.32 9.99
CA GLU A 122 5.19 16.58 11.04
C GLU A 122 6.20 15.95 11.99
N ASP A 123 7.32 15.49 11.43
CA ASP A 123 8.39 14.95 12.25
C ASP A 123 8.87 15.98 13.27
N SER A 124 9.04 17.23 12.82
CA SER A 124 9.42 18.32 13.74
C SER A 124 8.29 18.74 14.69
N SER A 125 7.05 18.64 14.24
CA SER A 125 5.94 18.92 15.13
C SER A 125 5.96 17.95 16.30
N ARG A 126 6.31 16.69 16.02
CA ARG A 126 6.39 15.71 17.11
C ARG A 126 7.65 15.84 17.98
N HIS A 127 8.78 16.15 17.35
CA HIS A 127 10.08 15.92 18.00
C HIS A 127 11.01 17.11 18.09
N SER A 128 10.62 18.28 17.54
CA SER A 128 11.49 19.44 17.56
C SER A 128 10.98 20.57 18.42
N GLY A 129 9.74 20.46 18.91
CA GLY A 129 9.10 21.57 19.64
C GLY A 129 8.65 22.70 18.71
N LEU A 130 8.36 22.37 17.45
CA LEU A 130 7.87 23.34 16.47
C LEU A 130 6.43 23.05 16.10
N LYS A 131 5.68 24.09 15.73
CA LYS A 131 4.36 23.92 15.13
C LYS A 131 4.30 24.74 13.85
N PHE A 132 3.52 24.27 12.88
CA PHE A 132 3.45 24.86 11.54
C PHE A 132 2.02 25.27 11.28
N LEU A 133 1.83 26.54 10.97
CA LEU A 133 0.49 27.09 10.74
C LEU A 133 0.41 27.56 9.30
N ALA A 134 -0.48 26.96 8.51
CA ALA A 134 -0.67 27.40 7.13
C ALA A 134 -1.68 28.54 7.09
N ALA A 135 -1.20 29.72 6.70
CA ALA A 135 -2.03 30.92 6.62
C ALA A 135 -2.37 31.06 5.14
N VAL A 136 -3.50 30.47 4.76
CA VAL A 136 -3.86 30.36 3.37
C VAL A 136 -4.63 31.59 2.94
N ASN A 137 -3.90 32.49 2.28
CA ASN A 137 -4.35 33.85 2.01
C ASN A 137 -4.67 34.10 0.55
N GLY A 138 -4.97 33.02 -0.18
CA GLY A 138 -5.30 33.08 -1.62
C GLY A 138 -5.54 31.65 -2.12
N ALA A 139 -5.72 31.48 -3.43
CA ALA A 139 -5.99 30.18 -4.03
C ALA A 139 -4.95 29.13 -3.62
N CYS A 140 -5.43 27.96 -3.22
CA CYS A 140 -4.60 26.93 -2.63
C CYS A 140 -4.99 25.60 -3.29
N ALA A 141 -4.32 25.27 -4.39
CA ALA A 141 -4.76 24.17 -5.25
C ALA A 141 -3.71 23.10 -5.39
N GLY A 142 -4.17 21.84 -5.39
CA GLY A 142 -3.30 20.68 -5.66
C GLY A 142 -2.17 20.62 -4.66
N GLY A 143 -0.94 20.63 -5.17
CA GLY A 143 0.24 20.68 -4.32
C GLY A 143 0.18 21.77 -3.27
N GLY A 144 -0.48 22.88 -3.57
CA GLY A 144 -0.63 23.93 -2.57
C GLY A 144 -1.36 23.40 -1.32
N TYR A 145 -2.47 22.71 -1.55
CA TYR A 145 -3.23 22.15 -0.44
C TYR A 145 -2.47 21.00 0.19
N GLU A 146 -1.77 20.22 -0.61
CA GLU A 146 -0.93 19.14 -0.05
C GLU A 146 0.11 19.67 0.93
N LEU A 147 0.70 20.83 0.64
CA LEU A 147 1.65 21.41 1.57
C LEU A 147 0.96 21.90 2.84
N ALA A 148 -0.17 22.59 2.67
CA ALA A 148 -0.93 23.02 3.83
C ALA A 148 -1.33 21.81 4.68
N LEU A 149 -1.66 20.69 4.04
CA LEU A 149 -2.09 19.50 4.79
C LEU A 149 -1.04 19.00 5.79
N ALA A 150 0.24 19.18 5.45
CA ALA A 150 1.32 18.71 6.30
C ALA A 150 1.58 19.64 7.49
N CYS A 151 0.97 20.82 7.47
CA CYS A 151 1.09 21.74 8.60
C CYS A 151 0.19 21.26 9.74
N ASP A 152 0.37 21.82 10.93
CA ASP A 152 -0.45 21.43 12.07
C ASP A 152 -1.88 21.93 11.97
N GLU A 153 -2.04 23.15 11.47
CA GLU A 153 -3.36 23.76 11.30
C GLU A 153 -3.39 24.56 10.03
N ILE A 154 -4.59 24.67 9.48
CA ILE A 154 -4.84 25.39 8.24
C ILE A 154 -5.91 26.45 8.49
N TYR A 155 -5.54 27.71 8.28
CA TYR A 155 -6.50 28.83 8.41
C TYR A 155 -6.70 29.41 7.01
N LEU A 156 -7.96 29.51 6.59
CA LEU A 156 -8.28 29.96 5.23
C LEU A 156 -8.97 31.31 5.28
N VAL A 157 -8.55 32.24 4.41
CA VAL A 157 -9.17 33.56 4.40
C VAL A 157 -10.58 33.40 3.87
N ASP A 158 -11.54 34.01 4.57
CA ASP A 158 -12.96 33.94 4.19
C ASP A 158 -13.35 35.16 3.32
N ASP A 159 -12.92 35.17 2.06
CA ASP A 159 -13.00 36.39 1.22
C ASP A 159 -13.94 36.22 0.03
N ARG A 160 -14.74 35.16 0.05
CA ARG A 160 -15.72 34.85 -0.99
C ARG A 160 -15.07 34.30 -2.26
N SER A 161 -13.75 34.12 -2.24
CA SER A 161 -13.02 33.70 -3.42
C SER A 161 -12.01 32.58 -3.17
N SER A 162 -11.06 32.82 -2.27
CA SER A 162 -9.97 31.90 -1.97
C SER A 162 -10.46 30.52 -1.53
N SER A 163 -9.90 29.49 -2.16
CA SER A 163 -10.43 28.14 -1.99
C SER A 163 -9.32 27.15 -1.85
N VAL A 164 -9.63 26.04 -1.21
CA VAL A 164 -8.77 24.87 -1.25
C VAL A 164 -9.32 23.91 -2.29
N SER A 165 -8.40 23.27 -3.00
CA SER A 165 -8.81 22.34 -4.04
C SER A 165 -7.73 21.28 -4.28
N LEU A 166 -8.16 20.15 -4.82
CA LEU A 166 -7.27 19.07 -5.29
C LEU A 166 -7.75 18.67 -6.69
N PRO A 167 -7.38 19.47 -7.69
CA PRO A 167 -7.90 19.25 -9.04
C PRO A 167 -7.11 18.19 -9.82
N GLU A 168 -6.18 17.49 -9.18
CA GLU A 168 -5.27 16.59 -9.90
C GLU A 168 -6.02 15.57 -10.78
N VAL A 169 -7.03 14.90 -10.21
CA VAL A 169 -7.74 13.88 -10.96
C VAL A 169 -8.43 14.42 -12.23
N PRO A 170 -9.33 15.42 -12.08
CA PRO A 170 -10.05 15.93 -13.26
C PRO A 170 -9.18 16.75 -14.21
N LEU A 171 -8.19 17.44 -13.69
CA LEU A 171 -7.43 18.38 -14.53
C LEU A 171 -6.17 17.77 -15.09
N LEU A 172 -5.50 16.94 -14.29
CA LEU A 172 -4.21 16.37 -14.67
C LEU A 172 -4.22 14.87 -14.95
N GLY A 173 -5.33 14.20 -14.67
CA GLY A 173 -5.40 12.75 -14.79
C GLY A 173 -4.41 12.03 -13.87
N VAL A 174 -4.06 12.67 -12.76
CA VAL A 174 -3.20 12.02 -11.76
C VAL A 174 -3.78 12.19 -10.35
N LEU A 175 -3.16 11.59 -9.35
CA LEU A 175 -3.62 11.78 -7.98
C LEU A 175 -2.92 12.95 -7.31
N PRO A 176 -3.49 13.44 -6.19
CA PRO A 176 -2.74 14.20 -5.21
C PRO A 176 -1.76 13.24 -4.54
N GLY A 177 -0.58 13.15 -5.17
CA GLY A 177 0.42 12.11 -4.85
C GLY A 177 1.48 12.55 -3.85
N THR A 178 1.46 13.83 -3.45
CA THR A 178 2.38 14.30 -2.41
C THR A 178 1.72 14.14 -1.03
N GLY A 179 1.18 12.95 -0.77
CA GLY A 179 0.54 12.69 0.51
C GLY A 179 -0.86 13.27 0.61
N GLY A 180 -1.34 13.90 -0.46
CA GLY A 180 -2.65 14.60 -0.42
C GLY A 180 -3.79 13.68 -0.01
N LEU A 181 -3.96 12.57 -0.72
CA LEU A 181 -5.11 11.73 -0.39
C LEU A 181 -4.97 11.17 1.01
N THR A 182 -3.76 10.72 1.35
CA THR A 182 -3.54 10.05 2.63
C THR A 182 -3.74 11.00 3.80
N ARG A 183 -3.38 12.27 3.63
CA ARG A 183 -3.61 13.23 4.72
C ARG A 183 -5.10 13.59 4.81
N VAL A 184 -5.77 13.68 3.67
CA VAL A 184 -7.21 13.97 3.64
C VAL A 184 -7.99 12.91 4.44
N THR A 185 -7.63 11.64 4.28
CA THR A 185 -8.29 10.59 5.04
C THR A 185 -7.70 10.40 6.44
N ASP A 186 -6.39 10.22 6.53
CA ASP A 186 -5.82 9.72 7.79
C ASP A 186 -5.60 10.84 8.82
N LYS A 187 -5.40 12.06 8.34
CA LYS A 187 -5.07 13.17 9.23
C LYS A 187 -6.30 14.07 9.41
N ARG A 188 -6.90 14.50 8.30
CA ARG A 188 -8.06 15.40 8.40
C ARG A 188 -9.37 14.64 8.67
N LYS A 189 -9.41 13.35 8.34
CA LYS A 189 -10.62 12.53 8.56
C LYS A 189 -11.83 13.07 7.79
N VAL A 190 -11.59 13.48 6.55
CA VAL A 190 -12.69 13.92 5.67
C VAL A 190 -13.49 12.70 5.23
N ARG A 191 -14.82 12.73 5.38
CA ARG A 191 -15.61 11.55 5.07
C ARG A 191 -15.35 11.18 3.61
N HIS A 192 -15.14 9.89 3.33
CA HIS A 192 -14.54 9.51 2.04
C HIS A 192 -15.33 9.96 0.81
N ASP A 193 -16.65 9.98 0.92
CA ASP A 193 -17.49 10.41 -0.20
C ASP A 193 -17.42 11.91 -0.40
N ARG A 194 -17.27 12.66 0.70
CA ARG A 194 -16.97 14.09 0.58
C ARG A 194 -15.60 14.31 -0.05
N ALA A 195 -14.62 13.50 0.35
CA ALA A 195 -13.31 13.58 -0.28
C ALA A 195 -13.38 13.27 -1.78
N ASP A 196 -14.26 12.36 -2.16
CA ASP A 196 -14.42 12.00 -3.56
C ASP A 196 -14.91 13.22 -4.36
N ILE A 197 -15.94 13.88 -3.86
CA ILE A 197 -16.37 15.13 -4.47
C ILE A 197 -15.22 16.13 -4.52
N PHE A 198 -14.51 16.29 -3.40
CA PHE A 198 -13.43 17.26 -3.31
C PHE A 198 -12.35 16.99 -4.36
N CYS A 199 -12.06 15.71 -4.57
CA CYS A 199 -10.97 15.34 -5.44
C CYS A 199 -11.35 15.17 -6.90
N THR A 200 -12.60 15.47 -7.23
CA THR A 200 -13.05 15.30 -8.62
C THR A 200 -13.71 16.55 -9.16
N VAL A 201 -13.48 17.67 -8.50
CA VAL A 201 -13.93 18.98 -8.98
C VAL A 201 -12.76 19.95 -8.99
N VAL A 202 -12.70 20.77 -10.02
CA VAL A 202 -11.60 21.72 -10.10
C VAL A 202 -11.75 22.91 -9.15
N GLU A 203 -12.97 23.47 -9.02
CA GLU A 203 -13.11 24.70 -8.26
C GLU A 203 -12.87 24.54 -6.74
N GLY A 204 -12.96 23.33 -6.21
CA GLY A 204 -12.64 23.16 -4.79
C GLY A 204 -13.69 23.81 -3.89
N VAL A 205 -13.28 24.24 -2.69
CA VAL A 205 -14.20 24.61 -1.62
C VAL A 205 -13.72 25.86 -0.85
N ARG A 206 -14.65 26.73 -0.50
CA ARG A 206 -14.30 27.96 0.22
C ARG A 206 -15.13 28.14 1.46
N GLY A 207 -14.69 29.08 2.31
CA GLY A 207 -15.48 29.51 3.45
C GLY A 207 -15.87 28.43 4.44
N GLU A 208 -17.01 28.63 5.07
CA GLU A 208 -17.42 27.77 6.16
C GLU A 208 -17.52 26.29 5.76
N ARG A 209 -17.90 25.99 4.53
CA ARG A 209 -18.01 24.58 4.14
C ARG A 209 -16.65 23.88 4.21
N ALA A 210 -15.59 24.58 3.87
CA ALA A 210 -14.24 24.01 4.01
C ALA A 210 -13.95 23.59 5.44
N LYS A 211 -14.41 24.38 6.40
CA LYS A 211 -14.27 24.02 7.80
C LYS A 211 -15.18 22.83 8.17
N ALA A 212 -16.42 22.91 7.73
CA ALA A 212 -17.42 21.90 8.11
C ALA A 212 -17.01 20.52 7.58
N TRP A 213 -16.44 20.49 6.38
CA TRP A 213 -15.99 19.23 5.76
C TRP A 213 -14.66 18.70 6.32
N ARG A 214 -14.04 19.48 7.21
CA ARG A 214 -12.78 19.12 7.87
C ARG A 214 -11.56 19.40 7.01
N LEU A 215 -11.74 20.18 5.95
CA LEU A 215 -10.62 20.46 5.05
C LEU A 215 -9.69 21.53 5.60
N VAL A 216 -10.23 22.43 6.40
CA VAL A 216 -9.41 23.44 7.10
C VAL A 216 -9.90 23.57 8.53
N ASP A 217 -9.08 24.20 9.38
CA ASP A 217 -9.39 24.30 10.78
C ASP A 217 -10.22 25.54 11.13
N GLU A 218 -9.91 26.67 10.50
CA GLU A 218 -10.68 27.90 10.75
C GLU A 218 -10.71 28.73 9.49
N VAL A 219 -11.76 29.54 9.35
CA VAL A 219 -11.82 30.51 8.26
C VAL A 219 -12.02 31.90 8.89
N VAL A 220 -11.30 32.89 8.38
CA VAL A 220 -11.33 34.22 8.99
C VAL A 220 -11.44 35.27 7.89
N LYS A 221 -12.31 36.27 8.13
CA LYS A 221 -12.48 37.34 7.17
C LYS A 221 -11.20 38.16 6.96
N PRO A 222 -11.03 38.68 5.73
CA PRO A 222 -9.75 39.31 5.41
C PRO A 222 -9.36 40.40 6.42
N ASN A 223 -10.32 41.18 6.92
CA ASN A 223 -9.92 42.30 7.79
C ASN A 223 -9.42 41.84 9.15
N GLN A 224 -9.69 40.60 9.52
CA GLN A 224 -9.17 40.05 10.78
C GLN A 224 -8.11 38.99 10.59
N PHE A 225 -7.81 38.65 9.34
CA PHE A 225 -7.02 37.45 9.07
C PHE A 225 -5.61 37.52 9.69
N ASP A 226 -4.88 38.58 9.38
CA ASP A 226 -3.50 38.66 9.84
C ASP A 226 -3.45 38.63 11.37
N GLN A 227 -4.37 39.32 12.02
CA GLN A 227 -4.42 39.34 13.46
C GLN A 227 -4.67 37.94 14.02
N ALA A 228 -5.60 37.21 13.39
CA ALA A 228 -5.94 35.86 13.85
C ALA A 228 -4.75 34.90 13.67
N ILE A 229 -4.05 35.04 12.55
CA ILE A 229 -2.88 34.20 12.29
C ILE A 229 -1.81 34.46 13.37
N GLN A 230 -1.47 35.73 13.62
CA GLN A 230 -0.45 35.99 14.65
C GLN A 230 -0.89 35.52 16.03
N ALA A 231 -2.15 35.73 16.36
CA ALA A 231 -2.63 35.29 17.69
C ALA A 231 -2.54 33.79 17.82
N ARG A 232 -2.93 33.06 16.77
CA ARG A 232 -2.89 31.60 16.85
C ARG A 232 -1.44 31.14 16.87
N ALA A 233 -0.58 31.83 16.11
CA ALA A 233 0.85 31.44 16.11
C ALA A 233 1.41 31.53 17.52
N LEU A 234 1.08 32.60 18.25
CA LEU A 234 1.55 32.73 19.64
C LEU A 234 1.00 31.62 20.53
N GLU A 235 -0.26 31.23 20.31
CA GLU A 235 -0.83 30.15 21.11
C GLU A 235 -0.11 28.86 20.83
N LEU A 236 0.17 28.60 19.57
CA LEU A 236 0.87 27.35 19.23
C LEU A 236 2.29 27.38 19.74
N ALA A 237 2.86 28.57 19.88
CA ALA A 237 4.22 28.70 20.39
C ALA A 237 4.34 28.26 21.86
N ALA A 238 3.28 28.48 22.65
CA ALA A 238 3.31 28.23 24.09
C ALA A 238 3.49 26.76 24.42
N GLN A 239 3.17 25.90 23.45
CA GLN A 239 3.29 24.45 23.57
C GLN A 239 4.72 23.97 23.61
N SER A 240 5.63 24.79 23.09
CA SER A 240 7.01 24.38 22.86
C SER A 240 7.86 24.40 24.12
N ASP A 241 8.97 23.66 24.09
CA ASP A 241 9.98 23.75 25.14
C ASP A 241 11.28 24.33 24.60
N ARG A 242 11.27 24.81 23.36
CA ARG A 242 12.51 25.35 22.80
C ARG A 242 12.99 26.56 23.64
N PRO A 243 14.30 26.73 23.78
CA PRO A 243 14.80 27.79 24.66
C PRO A 243 14.86 29.17 23.99
N ALA A 244 14.08 30.11 24.50
CA ALA A 244 14.02 31.46 23.94
C ALA A 244 15.34 32.24 24.02
N HIS A 245 16.25 31.81 24.89
CA HIS A 245 17.49 32.57 25.06
C HIS A 245 18.76 31.95 24.49
N ALA A 246 18.64 30.85 23.77
CA ALA A 246 19.83 30.21 23.22
C ALA A 246 20.33 30.82 21.90
N GLN A 247 21.63 30.64 21.62
CA GLN A 247 22.14 31.00 20.30
C GLN A 247 21.84 29.85 19.36
N GLY A 248 21.58 30.15 18.10
CA GLY A 248 21.46 29.09 17.11
C GLY A 248 22.79 28.44 16.79
N VAL A 249 22.74 27.31 16.08
CA VAL A 249 23.92 26.69 15.53
C VAL A 249 23.91 26.87 14.02
N PRO A 250 24.86 27.65 13.48
CA PRO A 250 24.91 27.89 12.03
C PRO A 250 25.21 26.64 11.23
N LEU A 251 24.38 26.38 10.20
CA LEU A 251 24.63 25.27 9.31
C LEU A 251 25.57 25.70 8.18
N THR A 252 26.86 25.54 8.43
CA THR A 252 27.87 25.97 7.48
C THR A 252 27.90 25.09 6.23
N ARG A 253 28.70 25.50 5.25
CA ARG A 253 28.73 24.77 4.00
C ARG A 253 29.12 23.29 4.19
N ILE A 254 28.59 22.46 3.29
CA ILE A 254 28.97 21.07 3.20
C ILE A 254 30.05 20.94 2.13
N GLU A 255 31.26 20.61 2.55
CA GLU A 255 32.34 20.41 1.61
C GLU A 255 32.15 19.10 0.84
N ARG A 256 32.22 19.14 -0.48
CA ARG A 256 32.05 17.94 -1.27
C ARG A 256 32.86 18.03 -2.55
N THR A 257 33.71 17.04 -2.81
CA THR A 257 34.35 16.95 -4.12
C THR A 257 33.54 16.04 -5.03
N ASP A 258 33.16 16.58 -6.18
CA ASP A 258 32.45 15.83 -7.19
C ASP A 258 33.45 15.18 -8.15
N ARG A 259 33.57 13.86 -8.09
CA ARG A 259 34.53 13.15 -8.94
C ARG A 259 33.76 12.46 -10.07
N GLU A 260 34.47 12.01 -11.10
CA GLU A 260 33.81 11.29 -12.17
C GLU A 260 33.19 10.02 -11.63
N ASP A 261 33.83 9.46 -10.60
CA ASP A 261 33.47 8.15 -10.06
C ASP A 261 32.93 8.22 -8.65
N GLY A 262 32.40 9.37 -8.22
CA GLY A 262 31.82 9.41 -6.88
C GLY A 262 31.89 10.75 -6.18
N LEU A 263 31.86 10.71 -4.85
CA LEU A 263 31.72 11.91 -4.04
C LEU A 263 32.64 11.80 -2.84
N THR A 264 33.34 12.90 -2.51
CA THR A 264 34.18 12.94 -1.32
C THR A 264 33.66 13.94 -0.31
N TYR A 265 33.32 13.44 0.88
CA TYR A 265 33.00 14.31 2.02
C TYR A 265 33.96 14.02 3.18
N LYS A 266 33.99 14.90 4.17
CA LYS A 266 34.83 14.68 5.34
C LYS A 266 34.56 13.32 6.01
N THR A 267 33.27 12.98 6.18
CA THR A 267 32.89 11.77 6.94
C THR A 267 32.37 10.61 6.09
N LEU A 268 32.51 10.75 4.77
CA LEU A 268 31.87 9.79 3.88
C LEU A 268 32.50 9.80 2.50
N ASP A 269 32.82 8.62 2.00
CA ASP A 269 33.18 8.42 0.60
C ASP A 269 32.08 7.72 -0.15
N VAL A 270 31.76 8.17 -1.36
CA VAL A 270 30.96 7.36 -2.26
C VAL A 270 31.82 7.06 -3.49
N THR A 271 32.03 5.79 -3.77
CA THR A 271 32.77 5.38 -4.96
C THR A 271 31.89 4.52 -5.88
N ILE A 272 31.81 4.94 -7.15
CA ILE A 272 30.93 4.30 -8.13
C ILE A 272 31.71 3.38 -9.08
N ASP A 273 31.22 2.16 -9.25
CA ASP A 273 31.72 1.29 -10.30
C ASP A 273 30.65 1.23 -11.36
N ARG A 274 30.91 1.89 -12.48
CA ARG A 274 29.86 2.06 -13.48
C ARG A 274 29.59 0.79 -14.26
N ALA A 275 30.62 -0.06 -14.38
CA ALA A 275 30.45 -1.32 -15.10
C ALA A 275 29.60 -2.31 -14.28
N LYS A 276 29.87 -2.35 -12.97
CA LYS A 276 29.17 -3.28 -12.08
C LYS A 276 27.85 -2.69 -11.60
N ARG A 277 27.68 -1.39 -11.83
CA ARG A 277 26.48 -0.63 -11.43
C ARG A 277 26.28 -0.64 -9.90
N ILE A 278 27.39 -0.39 -9.18
CA ILE A 278 27.39 -0.36 -7.72
C ILE A 278 27.98 0.94 -7.20
N ALA A 279 27.34 1.52 -6.21
CA ALA A 279 27.92 2.63 -5.48
C ALA A 279 28.22 2.19 -4.07
N THR A 280 29.48 2.34 -3.67
CA THR A 280 29.87 1.96 -2.33
C THR A 280 29.98 3.19 -1.46
N PHE A 281 29.19 3.23 -0.39
CA PHE A 281 29.22 4.30 0.57
C PHE A 281 30.09 3.81 1.73
N THR A 282 31.20 4.50 2.00
CA THR A 282 32.00 4.19 3.17
C THR A 282 31.88 5.33 4.20
N ALA A 283 31.16 5.05 5.28
CA ALA A 283 30.94 6.01 6.35
C ALA A 283 32.07 5.95 7.35
N LYS A 284 32.52 7.12 7.83
CA LYS A 284 33.70 7.19 8.70
C LYS A 284 33.33 7.66 10.11
N ALA A 285 33.75 6.90 11.11
CA ALA A 285 33.53 7.24 12.51
C ALA A 285 34.22 8.55 12.89
N PRO A 286 33.87 9.12 14.05
CA PRO A 286 34.67 10.24 14.51
C PRO A 286 36.14 9.84 14.58
N GLN A 287 37.04 10.71 14.12
CA GLN A 287 38.45 10.37 14.08
C GLN A 287 39.04 10.34 15.47
N THR A 288 38.52 11.20 16.35
CA THR A 288 38.89 11.10 17.74
C THR A 288 37.66 11.16 18.62
N GLU A 289 37.84 10.94 19.92
CA GLU A 289 36.69 10.87 20.83
C GLU A 289 35.87 12.14 20.76
N PRO A 290 34.55 11.99 20.45
CA PRO A 290 33.64 13.12 20.41
C PRO A 290 33.32 13.61 21.83
N PRO A 291 32.95 14.89 21.96
CA PRO A 291 32.75 15.54 23.26
C PRO A 291 31.58 14.99 24.05
N ALA A 292 31.80 14.74 25.34
CA ALA A 292 30.75 14.26 26.23
C ALA A 292 29.90 15.40 26.80
N SER A 293 30.49 16.59 26.93
CA SER A 293 29.80 17.68 27.60
C SER A 293 28.94 18.51 26.65
N ILE A 294 27.84 19.01 27.17
CA ILE A 294 26.92 19.76 26.33
C ILE A 294 27.56 21.04 25.78
N ASP A 295 28.33 21.74 26.61
CA ASP A 295 28.99 22.95 26.12
C ASP A 295 29.92 22.68 24.94
N ALA A 296 30.65 21.57 25.00
CA ALA A 296 31.62 21.21 23.95
C ALA A 296 30.89 20.73 22.69
N ILE A 297 29.78 20.04 22.89
CA ILE A 297 28.91 19.67 21.77
C ILE A 297 28.38 20.92 21.05
N VAL A 298 27.83 21.87 21.80
CA VAL A 298 27.30 23.09 21.22
C VAL A 298 28.41 23.91 20.52
N ALA A 299 29.58 23.99 21.15
CA ALA A 299 30.70 24.71 20.53
C ALA A 299 31.14 24.10 19.21
N ALA A 300 31.07 22.78 19.10
CA ALA A 300 31.40 22.13 17.85
C ALA A 300 30.36 22.46 16.79
N GLY A 301 29.09 22.54 17.20
CA GLY A 301 28.01 22.99 16.30
C GLY A 301 27.88 22.10 15.07
N ALA A 302 27.88 22.70 13.88
CA ALA A 302 27.82 21.95 12.60
C ALA A 302 29.00 21.02 12.40
N ASN A 303 30.08 21.23 13.16
CA ASN A 303 31.22 20.34 13.03
C ASN A 303 31.18 19.18 14.03
N TRP A 304 30.14 19.15 14.85
CA TRP A 304 29.97 18.03 15.78
C TRP A 304 29.71 16.77 14.96
N TRP A 305 30.45 15.69 15.22
CA TRP A 305 30.43 14.57 14.29
C TRP A 305 29.01 14.05 13.91
N PRO A 306 28.13 13.81 14.91
CA PRO A 306 26.83 13.25 14.50
C PRO A 306 26.07 14.16 13.55
N LEU A 307 26.15 15.48 13.74
CA LEU A 307 25.46 16.39 12.84
C LEU A 307 26.15 16.48 11.48
N LYS A 308 27.47 16.54 11.49
CA LYS A 308 28.24 16.60 10.26
C LYS A 308 27.96 15.36 9.40
N PHE A 309 28.01 14.19 10.03
CA PHE A 309 27.76 12.96 9.31
C PHE A 309 26.33 12.92 8.76
N ALA A 310 25.36 13.32 9.59
CA ALA A 310 23.95 13.33 9.13
C ALA A 310 23.80 14.19 7.90
N ARG A 311 24.37 15.39 7.93
CA ARG A 311 24.27 16.29 6.76
C ARG A 311 24.97 15.76 5.51
N GLU A 312 26.16 15.18 5.68
CA GLU A 312 26.89 14.69 4.53
C GLU A 312 26.22 13.46 3.93
N PHE A 313 25.75 12.57 4.81
CA PHE A 313 25.08 11.36 4.38
C PHE A 313 23.75 11.72 3.70
N ASP A 314 22.99 12.67 4.23
CA ASP A 314 21.76 13.08 3.56
C ASP A 314 22.06 13.63 2.15
N ASP A 315 23.10 14.47 2.04
CA ASP A 315 23.48 15.01 0.75
C ASP A 315 23.83 13.91 -0.24
N ALA A 316 24.55 12.90 0.23
CA ALA A 316 24.95 11.79 -0.63
C ALA A 316 23.75 10.96 -1.08
N ILE A 317 22.85 10.66 -0.15
CA ILE A 317 21.65 9.90 -0.52
C ILE A 317 20.87 10.64 -1.59
N LEU A 318 20.66 11.95 -1.39
CA LEU A 318 19.88 12.77 -2.31
C LEU A 318 20.57 12.83 -3.66
N SER A 319 21.88 13.04 -3.63
CA SER A 319 22.63 13.15 -4.88
C SER A 319 22.61 11.85 -5.69
N MET A 320 22.84 10.73 -5.02
CA MET A 320 22.89 9.46 -5.71
C MET A 320 21.51 9.03 -6.21
N ARG A 321 20.48 9.30 -5.41
CA ARG A 321 19.11 9.00 -5.85
C ARG A 321 18.78 9.73 -7.14
N THR A 322 19.24 10.98 -7.21
CA THR A 322 18.74 11.88 -8.24
C THR A 322 19.60 11.83 -9.50
N ASN A 323 20.91 11.69 -9.31
CA ASN A 323 21.85 11.87 -10.41
C ASN A 323 22.44 10.58 -10.95
N GLU A 324 22.20 9.46 -10.28
CA GLU A 324 22.81 8.20 -10.68
C GLU A 324 21.78 7.08 -10.77
N LEU A 325 20.94 7.14 -11.80
CA LEU A 325 19.82 6.21 -11.93
C LEU A 325 20.20 4.80 -12.31
N ALA A 326 21.33 4.64 -12.99
CA ALA A 326 21.70 3.31 -13.50
C ALA A 326 22.51 2.50 -12.50
N VAL A 327 23.01 3.17 -11.48
CA VAL A 327 23.76 2.53 -10.39
C VAL A 327 22.75 2.03 -9.35
N GLY A 328 22.21 0.85 -9.59
CA GLY A 328 21.05 0.36 -8.84
C GLY A 328 21.30 -0.24 -7.48
N THR A 329 22.56 -0.57 -7.19
CA THR A 329 22.91 -1.18 -5.90
C THR A 329 23.81 -0.24 -5.10
N TRP A 330 23.44 -0.05 -3.83
CA TRP A 330 24.28 0.65 -2.88
C TRP A 330 24.85 -0.36 -1.90
N VAL A 331 26.17 -0.30 -1.70
CA VAL A 331 26.84 -1.10 -0.69
C VAL A 331 27.26 -0.18 0.44
N PHE A 332 26.91 -0.55 1.67
CA PHE A 332 27.33 0.23 2.83
C PHE A 332 28.52 -0.44 3.49
N ARG A 333 29.57 0.35 3.70
CA ARG A 333 30.74 -0.04 4.49
C ARG A 333 30.99 1.03 5.56
N THR A 334 31.79 0.70 6.58
CA THR A 334 32.16 1.68 7.60
C THR A 334 33.63 1.52 7.93
N GLU A 335 34.22 2.58 8.44
CA GLU A 335 35.62 2.51 8.84
C GLU A 335 35.79 3.41 10.05
N GLY A 336 36.82 3.13 10.83
CA GLY A 336 37.07 3.89 12.05
C GLY A 336 36.91 3.05 13.29
N ASP A 337 36.86 3.72 14.43
CA ASP A 337 36.99 3.08 15.74
C ASP A 337 35.61 3.05 16.43
N ALA A 338 35.11 1.84 16.67
CA ALA A 338 33.80 1.69 17.33
C ALA A 338 33.71 2.45 18.65
N ARG A 339 34.82 2.58 19.37
CA ARG A 339 34.72 3.27 20.66
C ARG A 339 34.22 4.70 20.49
N HIS A 340 34.57 5.32 19.38
CA HIS A 340 34.23 6.70 19.14
C HIS A 340 32.76 6.82 18.75
N LEU A 341 32.29 5.82 18.01
CA LEU A 341 30.87 5.74 17.67
C LEU A 341 30.06 5.57 18.93
N LEU A 342 30.47 4.65 19.80
CA LEU A 342 29.73 4.43 21.04
C LEU A 342 29.74 5.68 21.94
N ALA A 343 30.85 6.40 21.96
CA ALA A 343 30.92 7.62 22.73
C ALA A 343 29.95 8.65 22.15
N ALA A 344 29.87 8.74 20.83
CA ALA A 344 28.91 9.66 20.22
C ALA A 344 27.51 9.27 20.62
N ASP A 345 27.18 7.99 20.47
CA ASP A 345 25.82 7.52 20.87
C ASP A 345 25.51 7.81 22.34
N ALA A 346 26.50 7.62 23.21
CA ALA A 346 26.27 7.86 24.63
C ALA A 346 25.92 9.31 24.89
N SER A 347 26.55 10.21 24.12
CA SER A 347 26.27 11.63 24.25
C SER A 347 24.87 11.97 23.72
N LEU A 348 24.48 11.32 22.64
CA LEU A 348 23.12 11.48 22.13
C LEU A 348 22.10 11.03 23.16
N MET A 349 22.32 9.88 23.78
CA MET A 349 21.35 9.38 24.79
C MET A 349 21.30 10.27 26.04
N GLN A 350 22.47 10.69 26.52
CA GLN A 350 22.49 11.49 27.73
C GLN A 350 21.84 12.87 27.56
N HIS A 351 22.06 13.48 26.40
CA HIS A 351 21.63 14.87 26.18
C HIS A 351 20.45 14.99 25.23
N LYS A 352 19.69 13.91 25.03
CA LYS A 352 18.64 13.94 24.02
C LYS A 352 17.49 14.94 24.28
N ASP A 353 17.40 15.45 25.51
CA ASP A 353 16.37 16.45 25.82
C ASP A 353 16.85 17.86 25.53
N HIS A 354 18.15 18.04 25.37
CA HIS A 354 18.68 19.34 24.97
C HIS A 354 18.24 19.66 23.54
N TRP A 355 17.77 20.88 23.28
CA TRP A 355 17.18 21.21 21.99
C TRP A 355 18.09 20.89 20.81
N PHE A 356 19.40 21.12 20.94
CA PHE A 356 20.29 21.00 19.79
C PHE A 356 20.64 19.52 19.55
N VAL A 357 20.89 18.80 20.63
CA VAL A 357 21.13 17.36 20.54
C VAL A 357 19.87 16.66 19.99
N ARG A 358 18.70 17.05 20.50
CA ARG A 358 17.44 16.52 19.98
C ARG A 358 17.28 16.82 18.51
N GLU A 359 17.64 18.03 18.08
CA GLU A 359 17.50 18.40 16.68
C GLU A 359 18.44 17.53 15.82
N THR A 360 19.64 17.28 16.33
CA THR A 360 20.60 16.47 15.60
C THR A 360 20.12 15.01 15.48
N ILE A 361 19.59 14.46 16.57
CA ILE A 361 18.94 13.14 16.54
C ILE A 361 17.85 13.13 15.48
N GLY A 362 17.05 14.20 15.44
CA GLY A 362 16.00 14.31 14.42
C GLY A 362 16.49 14.27 12.97
N LEU A 363 17.61 14.96 12.68
CA LEU A 363 18.17 14.90 11.32
C LEU A 363 18.70 13.49 11.01
N LEU A 364 19.37 12.86 11.99
CA LEU A 364 19.77 11.46 11.80
C LEU A 364 18.57 10.57 11.53
N ARG A 365 17.51 10.75 12.32
CA ARG A 365 16.28 9.97 12.12
C ARG A 365 15.68 10.16 10.71
N ARG A 366 15.50 11.42 10.30
CA ARG A 366 14.92 11.66 9.00
C ARG A 366 15.83 11.18 7.88
N THR A 367 17.15 11.31 8.07
CA THR A 367 18.08 10.92 7.02
C THR A 367 18.10 9.40 6.84
N LEU A 368 18.21 8.67 7.95
CA LEU A 368 18.18 7.22 7.87
C LEU A 368 16.84 6.78 7.28
N ALA A 369 15.77 7.50 7.61
CA ALA A 369 14.46 7.13 7.12
C ALA A 369 14.30 7.29 5.59
N ARG A 370 15.21 8.04 4.96
CA ARG A 370 15.23 8.09 3.49
C ARG A 370 15.75 6.78 2.90
N ILE A 371 16.58 6.06 3.65
CA ILE A 371 17.18 4.85 3.11
C ILE A 371 16.14 3.78 2.79
N ASP A 372 15.22 3.54 3.73
CA ASP A 372 14.32 2.39 3.58
C ASP A 372 13.38 2.56 2.40
N VAL A 373 13.08 3.82 2.05
CA VAL A 373 12.20 4.11 0.91
C VAL A 373 12.95 4.44 -0.38
N SER A 374 14.26 4.25 -0.40
CA SER A 374 15.03 4.53 -1.63
C SER A 374 14.91 3.37 -2.59
N SER A 375 14.80 3.71 -3.88
CA SER A 375 14.70 2.73 -4.95
C SER A 375 16.07 2.26 -5.44
N ARG A 376 16.82 1.72 -4.49
CA ARG A 376 18.10 1.07 -4.75
C ARG A 376 18.16 -0.16 -3.89
N SER A 377 18.79 -1.22 -4.40
CA SER A 377 19.09 -2.36 -3.53
C SER A 377 20.18 -1.96 -2.54
N LEU A 378 20.14 -2.55 -1.36
CA LEU A 378 21.03 -2.16 -0.27
C LEU A 378 21.72 -3.38 0.32
N PHE A 379 23.03 -3.47 0.17
CA PHE A 379 23.81 -4.53 0.80
C PHE A 379 24.78 -3.91 1.81
N ALA A 380 24.80 -4.40 3.04
CA ALA A 380 25.82 -4.00 4.01
C ALA A 380 26.89 -5.09 4.03
N LEU A 381 28.15 -4.69 3.86
CA LEU A 381 29.27 -5.64 3.94
C LEU A 381 30.13 -5.28 5.14
N ILE A 382 30.20 -6.20 6.10
CA ILE A 382 30.87 -5.98 7.37
C ILE A 382 32.23 -6.70 7.33
N GLU A 383 33.26 -5.96 6.96
CA GLU A 383 34.56 -6.55 6.67
C GLU A 383 35.58 -6.15 7.73
N PRO A 384 36.76 -6.78 7.71
CA PRO A 384 37.74 -6.39 8.72
C PRO A 384 38.04 -4.88 8.65
N GLY A 385 38.21 -4.26 9.83
CA GLY A 385 38.49 -2.83 9.91
C GLY A 385 37.23 -2.00 9.98
N SER A 386 36.08 -2.66 9.83
CA SER A 386 34.82 -1.90 9.86
C SER A 386 34.38 -1.57 11.28
N CYS A 387 33.34 -0.77 11.39
CA CYS A 387 32.83 -0.39 12.70
C CYS A 387 31.33 -0.17 12.65
N PHE A 388 30.62 -1.29 12.44
CA PHE A 388 29.17 -1.29 12.46
C PHE A 388 28.72 -1.30 13.92
N ALA A 389 28.81 -0.13 14.53
CA ALA A 389 28.55 0.02 15.96
C ALA A 389 27.54 1.12 16.16
N GLY A 390 26.54 0.84 17.01
CA GLY A 390 25.55 1.88 17.40
C GLY A 390 24.88 2.50 16.20
N THR A 391 24.93 3.83 16.07
CA THR A 391 24.30 4.51 14.94
C THR A 391 24.71 3.88 13.60
N PHE A 392 25.98 3.52 13.44
CA PHE A 392 26.44 2.92 12.19
C PHE A 392 25.85 1.52 11.95
N ALA A 393 25.46 0.82 13.01
CA ALA A 393 24.88 -0.52 12.80
C ALA A 393 23.54 -0.38 12.11
N GLU A 394 22.94 0.80 12.14
CA GLU A 394 21.70 1.02 11.39
C GLU A 394 21.87 0.77 9.89
N LEU A 395 23.10 0.96 9.38
CA LEU A 395 23.38 0.75 7.98
C LEU A 395 23.26 -0.74 7.66
N ALA A 396 23.59 -1.59 8.62
CA ALA A 396 23.36 -3.03 8.44
C ALA A 396 21.86 -3.35 8.54
N PHE A 397 21.18 -2.75 9.50
CA PHE A 397 19.79 -3.14 9.76
C PHE A 397 18.82 -2.57 8.72
N ALA A 398 19.25 -1.54 7.99
CA ALA A 398 18.46 -1.00 6.87
C ALA A 398 18.55 -1.85 5.61
N ALA A 399 19.59 -2.68 5.54
CA ALA A 399 19.95 -3.32 4.28
C ALA A 399 19.07 -4.52 3.89
N ASP A 400 18.98 -4.78 2.60
CA ASP A 400 18.22 -5.93 2.10
C ASP A 400 18.97 -7.21 2.46
N ARG A 401 20.30 -7.13 2.48
CA ARG A 401 21.14 -8.24 2.94
C ARG A 401 22.35 -7.67 3.64
N THR A 402 22.82 -8.40 4.64
CA THR A 402 24.00 -8.03 5.39
C THR A 402 24.95 -9.21 5.48
N TYR A 403 26.15 -9.05 4.96
CA TYR A 403 27.17 -10.12 4.98
C TYR A 403 28.32 -9.70 5.89
N MET A 404 28.75 -10.61 6.75
CA MET A 404 29.80 -10.30 7.72
C MET A 404 30.96 -11.30 7.58
N ALA A 405 32.19 -10.79 7.57
CA ALA A 405 33.37 -11.58 7.25
C ALA A 405 33.86 -12.42 8.44
N ALA A 406 33.59 -13.72 8.37
CA ALA A 406 34.09 -14.64 9.39
C ALA A 406 35.56 -14.90 9.13
N LEU A 407 36.35 -14.90 10.18
CA LEU A 407 37.78 -15.15 10.04
C LEU A 407 38.17 -16.04 11.20
N PRO A 408 37.73 -17.32 11.13
CA PRO A 408 37.92 -18.29 12.19
C PRO A 408 39.39 -18.47 12.57
N ALA A 409 40.31 -18.20 11.64
CA ALA A 409 41.74 -18.35 11.93
C ALA A 409 42.46 -17.05 12.33
N ASN A 410 41.74 -15.94 12.40
CA ASN A 410 42.35 -14.65 12.74
C ASN A 410 41.42 -13.67 13.49
N GLU A 411 41.26 -13.87 14.80
CA GLU A 411 40.29 -13.06 15.58
C GLU A 411 40.55 -11.56 15.70
N ASP A 412 41.80 -11.14 15.78
CA ASP A 412 42.11 -9.72 15.81
C ASP A 412 41.54 -8.98 14.62
N GLU A 413 41.59 -9.61 13.45
CA GLU A 413 41.20 -8.95 12.22
C GLU A 413 39.68 -9.06 12.03
N GLU A 414 39.08 -10.03 12.70
CA GLU A 414 37.66 -10.35 12.53
C GLU A 414 36.78 -9.18 13.00
N PRO A 415 35.83 -8.73 12.16
CA PRO A 415 35.05 -7.57 12.60
C PRO A 415 33.98 -7.92 13.64
N ALA A 416 33.40 -6.89 14.22
CA ALA A 416 32.32 -7.03 15.19
C ALA A 416 31.15 -6.08 14.91
N ILE A 417 29.95 -6.51 15.30
CA ILE A 417 28.82 -5.59 15.39
C ILE A 417 28.64 -5.24 16.84
N THR A 418 28.48 -3.96 17.12
CA THR A 418 28.26 -3.53 18.48
C THR A 418 27.00 -2.70 18.58
N LEU A 419 25.98 -3.21 19.27
CA LEU A 419 24.74 -2.45 19.40
C LEU A 419 24.85 -1.40 20.50
N SER A 420 24.12 -0.30 20.33
CA SER A 420 23.98 0.64 21.45
C SER A 420 22.48 0.89 21.67
N GLU A 421 22.13 1.68 22.69
CA GLU A 421 20.73 2.07 22.93
C GLU A 421 20.03 2.63 21.71
N VAL A 422 20.78 3.28 20.83
CA VAL A 422 20.14 3.98 19.71
C VAL A 422 19.47 3.03 18.74
N ASN A 423 19.88 1.75 18.77
CA ASN A 423 19.32 0.76 17.85
C ASN A 423 17.95 0.25 18.29
N PHE A 424 17.49 0.72 19.43
CA PHE A 424 16.21 0.26 19.98
C PHE A 424 15.18 1.38 20.08
N GLY A 425 15.14 2.23 19.07
CA GLY A 425 14.01 3.14 18.90
C GLY A 425 14.34 4.59 18.63
N LEU A 426 15.62 4.96 18.69
CA LEU A 426 15.99 6.37 18.48
C LEU A 426 15.85 6.75 17.01
N TYR A 427 15.95 5.76 16.12
CA TYR A 427 15.89 6.05 14.68
C TYR A 427 14.83 5.23 13.95
N PRO A 428 13.56 5.49 14.26
CA PRO A 428 12.54 4.65 13.64
C PRO A 428 12.49 4.84 12.12
N MET A 429 12.23 3.75 11.40
CA MET A 429 11.85 3.88 9.99
C MET A 429 10.41 4.39 9.94
N VAL A 430 9.90 4.65 8.74
CA VAL A 430 8.58 5.30 8.64
C VAL A 430 7.40 4.39 9.05
N THR A 431 7.67 3.12 9.37
CA THR A 431 6.66 2.27 10.03
C THR A 431 6.54 2.60 11.54
N HIS A 432 7.38 3.53 12.00
CA HIS A 432 7.51 3.92 13.42
C HIS A 432 8.31 2.91 14.25
N GLN A 433 8.79 1.84 13.62
CA GLN A 433 9.57 0.81 14.31
C GLN A 433 11.07 1.09 14.19
N SER A 434 11.85 0.65 15.17
CA SER A 434 13.29 0.56 14.93
C SER A 434 13.52 -0.49 13.84
N ARG A 435 14.67 -0.40 13.17
CA ARG A 435 14.98 -1.34 12.11
C ARG A 435 15.12 -2.77 12.66
N LEU A 436 15.65 -2.90 13.88
CA LEU A 436 15.73 -4.21 14.53
C LEU A 436 14.38 -4.78 14.89
N ALA A 437 13.45 -3.94 15.35
CA ALA A 437 12.10 -4.38 15.68
C ALA A 437 11.42 -4.88 14.41
N ARG A 438 11.57 -4.14 13.31
CA ARG A 438 11.08 -4.59 12.02
C ARG A 438 11.77 -5.92 11.64
N ARG A 439 13.08 -5.96 11.81
CA ARG A 439 13.83 -7.14 11.39
C ARG A 439 13.30 -8.43 12.03
N PHE A 440 12.95 -8.34 13.31
CA PHE A 440 12.53 -9.52 14.08
C PHE A 440 11.01 -9.57 14.32
N TYR A 441 10.25 -8.79 13.54
CA TYR A 441 8.78 -8.83 13.64
C TYR A 441 8.31 -8.56 15.08
N GLU A 442 9.03 -7.72 15.79
CA GLU A 442 8.69 -7.37 17.18
C GLU A 442 8.65 -8.58 18.12
N GLU A 443 9.30 -9.67 17.71
CA GLU A 443 9.33 -10.87 18.56
C GLU A 443 10.24 -10.65 19.76
N THR A 444 9.75 -10.93 20.97
CA THR A 444 10.49 -10.52 22.17
C THR A 444 11.73 -11.37 22.43
N GLU A 445 11.68 -12.65 22.06
CA GLU A 445 12.82 -13.53 22.27
C GLU A 445 14.08 -13.06 21.54
N PRO A 446 14.00 -12.90 20.20
CA PRO A 446 15.19 -12.45 19.49
C PRO A 446 15.60 -11.02 19.85
N LEU A 447 14.65 -10.16 20.15
CA LEU A 447 15.00 -8.79 20.53
C LEU A 447 15.66 -8.73 21.91
N ASP A 448 15.13 -9.49 22.88
CA ASP A 448 15.74 -9.59 24.20
C ASP A 448 17.17 -10.09 24.07
N ALA A 449 17.36 -11.07 23.18
CA ALA A 449 18.67 -11.68 23.01
C ALA A 449 19.72 -10.69 22.51
N VAL A 450 19.32 -9.77 21.62
CA VAL A 450 20.28 -8.77 21.16
C VAL A 450 20.37 -7.55 22.09
N ARG A 451 19.26 -7.12 22.69
CA ARG A 451 19.34 -5.98 23.60
C ARG A 451 20.26 -6.28 24.78
N SER A 452 20.23 -7.51 25.27
CA SER A 452 21.06 -7.85 26.42
C SER A 452 22.56 -7.84 26.08
N ARG A 453 22.87 -7.79 24.79
CA ARG A 453 24.26 -7.73 24.37
C ARG A 453 24.69 -6.31 23.99
N ILE A 454 23.85 -5.31 24.25
CA ILE A 454 24.28 -3.92 24.05
C ILE A 454 25.68 -3.65 24.58
N GLY A 455 26.50 -3.02 23.74
CA GLY A 455 27.84 -2.57 24.14
C GLY A 455 28.91 -3.61 23.95
N GLN A 456 28.52 -4.85 23.68
CA GLN A 456 29.47 -5.97 23.51
C GLN A 456 29.84 -6.16 22.04
N ALA A 457 31.09 -6.50 21.77
CA ALA A 457 31.50 -6.80 20.41
C ALA A 457 30.99 -8.18 20.00
N ILE A 458 30.03 -8.21 19.09
CA ILE A 458 29.45 -9.48 18.64
C ILE A 458 30.17 -9.92 17.38
N LYS A 459 30.82 -11.07 17.45
CA LYS A 459 31.62 -11.58 16.34
C LYS A 459 30.76 -12.29 15.27
N PRO A 460 31.35 -12.55 14.11
CA PRO A 460 30.51 -13.05 13.00
C PRO A 460 29.67 -14.29 13.26
N VAL A 461 30.20 -15.27 13.98
CA VAL A 461 29.43 -16.48 14.22
C VAL A 461 28.21 -16.19 15.10
N GLU A 462 28.41 -15.44 16.17
CA GLU A 462 27.32 -15.09 17.08
C GLU A 462 26.31 -14.20 16.35
N ALA A 463 26.83 -13.27 15.53
CA ALA A 463 25.96 -12.32 14.82
C ALA A 463 25.00 -13.09 13.92
N GLU A 464 25.50 -14.09 13.21
CA GLU A 464 24.63 -14.89 12.36
C GLU A 464 23.64 -15.71 13.20
N ARG A 465 24.12 -16.31 14.30
CA ARG A 465 23.23 -17.11 15.14
C ARG A 465 22.09 -16.27 15.74
N LEU A 466 22.41 -15.03 16.11
CA LEU A 466 21.41 -14.11 16.64
C LEU A 466 20.51 -13.53 15.55
N GLY A 467 20.86 -13.75 14.30
CA GLY A 467 20.03 -13.28 13.19
C GLY A 467 20.27 -11.83 12.84
N LEU A 468 21.38 -11.26 13.33
CA LEU A 468 21.70 -9.85 13.08
C LEU A 468 22.27 -9.60 11.69
N VAL A 469 22.71 -10.66 11.02
CA VAL A 469 23.23 -10.58 9.67
C VAL A 469 22.63 -11.72 8.82
N THR A 470 22.69 -11.57 7.50
CA THR A 470 22.18 -12.58 6.59
C THR A 470 23.07 -13.82 6.57
N ALA A 471 24.37 -13.60 6.56
CA ALA A 471 25.32 -14.72 6.53
C ALA A 471 26.67 -14.19 6.97
N SER A 472 27.49 -15.08 7.51
CA SER A 472 28.86 -14.78 7.88
C SER A 472 29.80 -15.73 7.16
N PRO A 473 30.05 -15.46 5.88
CA PRO A 473 30.88 -16.39 5.10
C PRO A 473 32.33 -16.46 5.57
N ASP A 474 32.86 -17.69 5.59
CA ASP A 474 34.30 -17.99 5.77
C ASP A 474 35.12 -17.21 4.73
N ASP A 475 36.40 -16.98 5.00
CA ASP A 475 37.18 -16.18 4.07
C ASP A 475 37.46 -16.86 2.74
N ILE A 476 37.32 -18.19 2.64
CA ILE A 476 37.45 -18.77 1.30
C ILE A 476 36.13 -18.76 0.52
N ASP A 477 35.03 -18.51 1.22
CA ASP A 477 33.74 -18.42 0.54
C ASP A 477 33.30 -16.99 0.26
N TRP A 478 33.89 -16.04 0.99
CA TRP A 478 33.43 -14.64 0.91
C TRP A 478 33.42 -14.04 -0.49
N ALA A 479 34.57 -14.02 -1.16
CA ALA A 479 34.68 -13.33 -2.44
C ALA A 479 33.63 -13.78 -3.43
N ASP A 480 33.48 -15.08 -3.63
CA ASP A 480 32.51 -15.57 -4.59
C ASP A 480 31.07 -15.30 -4.14
N GLU A 481 30.79 -15.45 -2.86
CA GLU A 481 29.39 -15.34 -2.41
C GLU A 481 28.91 -13.91 -2.58
N ILE A 482 29.76 -12.97 -2.21
CA ILE A 482 29.40 -11.56 -2.28
C ILE A 482 29.37 -11.13 -3.76
N ARG A 483 30.38 -11.51 -4.53
CA ARG A 483 30.41 -11.16 -5.95
C ARG A 483 29.19 -11.67 -6.71
N ILE A 484 28.83 -12.92 -6.49
CA ILE A 484 27.67 -13.49 -7.15
C ILE A 484 26.38 -12.76 -6.75
N ALA A 485 26.24 -12.46 -5.46
CA ALA A 485 25.03 -11.72 -5.02
C ALA A 485 24.93 -10.38 -5.72
N LEU A 486 26.06 -9.70 -5.88
CA LEU A 486 26.09 -8.39 -6.59
C LEU A 486 25.85 -8.51 -8.08
N GLU A 487 26.40 -9.55 -8.71
CA GLU A 487 26.16 -9.80 -10.14
C GLU A 487 24.69 -10.04 -10.37
N GLU A 488 24.09 -10.87 -9.51
CA GLU A 488 22.68 -11.15 -9.64
C GLU A 488 21.85 -9.87 -9.49
N ARG A 489 22.24 -9.03 -8.54
CA ARG A 489 21.55 -7.76 -8.33
C ARG A 489 21.61 -6.83 -9.54
N ALA A 490 22.70 -6.91 -10.29
CA ALA A 490 22.87 -6.09 -11.47
C ALA A 490 22.15 -6.69 -12.68
N ALA A 491 21.93 -8.01 -12.68
CA ALA A 491 21.34 -8.71 -13.82
C ALA A 491 19.81 -8.74 -13.80
N MET A 492 19.24 -8.67 -12.60
CA MET A 492 17.79 -8.73 -12.47
C MET A 492 17.17 -7.43 -12.92
N SER A 493 15.88 -7.47 -13.27
CA SER A 493 15.18 -6.26 -13.64
C SER A 493 15.10 -5.26 -12.48
N PRO A 494 15.53 -4.01 -12.72
CA PRO A 494 15.42 -3.05 -11.61
C PRO A 494 13.97 -2.80 -11.18
N ASP A 495 13.02 -2.96 -12.09
CA ASP A 495 11.61 -2.73 -11.75
C ASP A 495 11.18 -3.74 -10.72
N ALA A 496 11.53 -5.00 -10.96
CA ALA A 496 11.15 -6.05 -10.03
C ALA A 496 11.88 -5.93 -8.72
N LEU A 497 13.14 -5.54 -8.74
CA LEU A 497 13.86 -5.40 -7.48
C LEU A 497 13.26 -4.31 -6.58
N THR A 498 12.91 -3.16 -7.16
CA THR A 498 12.38 -2.08 -6.35
C THR A 498 11.04 -2.47 -5.75
N GLY A 499 10.20 -3.13 -6.55
CA GLY A 499 8.92 -3.64 -6.06
C GLY A 499 9.10 -4.67 -4.94
N LEU A 500 10.05 -5.57 -5.14
CA LEU A 500 10.35 -6.59 -4.13
C LEU A 500 10.75 -5.92 -2.82
N GLU A 501 11.70 -5.00 -2.91
CA GLU A 501 12.22 -4.31 -1.76
C GLU A 501 11.16 -3.49 -1.05
N ALA A 502 10.22 -2.94 -1.81
CA ALA A 502 9.14 -2.16 -1.19
C ALA A 502 8.21 -3.03 -0.38
N ASN A 503 8.17 -4.33 -0.71
CA ASN A 503 7.32 -5.24 0.04
C ASN A 503 8.03 -5.97 1.17
N LEU A 504 9.28 -6.34 0.97
CA LEU A 504 9.98 -7.07 2.02
C LEU A 504 10.49 -6.16 3.15
N ARG A 505 10.91 -4.92 2.83
CA ARG A 505 11.35 -4.02 3.90
C ARG A 505 10.18 -3.60 4.79
N PHE A 506 9.01 -3.46 4.16
CA PHE A 506 7.81 -3.03 4.85
C PHE A 506 6.99 -4.27 5.13
N ASN A 507 7.45 -4.98 6.15
CA ASN A 507 7.11 -6.37 6.34
C ASN A 507 5.90 -6.62 7.25
N GLY A 508 5.10 -5.59 7.50
CA GLY A 508 3.87 -5.81 8.28
C GLY A 508 3.04 -4.55 8.52
N PRO A 509 3.43 -3.78 9.54
CA PRO A 509 2.61 -2.64 9.96
C PRO A 509 2.63 -1.49 8.97
N GLU A 510 1.50 -0.82 8.83
CA GLU A 510 1.40 0.38 8.00
C GLU A 510 1.05 1.58 8.89
N THR A 511 1.50 2.75 8.43
CA THR A 511 1.25 4.02 9.08
C THR A 511 0.82 5.01 8.01
N MET A 512 0.55 6.25 8.38
CA MET A 512 0.23 7.24 7.38
C MET A 512 1.39 7.39 6.41
N GLU A 513 2.61 7.38 6.93
CA GLU A 513 3.76 7.57 6.05
C GLU A 513 4.03 6.36 5.15
N THR A 514 3.88 5.14 5.65
CA THR A 514 4.03 4.01 4.72
C THR A 514 2.90 3.99 3.69
N ARG A 515 1.69 4.45 4.04
CA ARG A 515 0.62 4.57 3.06
C ARG A 515 0.96 5.64 2.00
N ILE A 516 1.60 6.72 2.42
CA ILE A 516 2.02 7.72 1.44
C ILE A 516 3.01 7.13 0.43
N PHE A 517 4.00 6.38 0.92
CA PHE A 517 5.00 5.79 0.03
C PHE A 517 4.58 4.50 -0.65
N GLY A 518 3.53 3.88 -0.13
CA GLY A 518 3.04 2.57 -0.58
C GLY A 518 1.78 2.71 -1.42
N ARG A 519 0.63 2.55 -0.76
CA ARG A 519 -0.70 2.64 -1.41
C ARG A 519 -0.80 3.86 -2.34
N LEU A 520 -0.46 5.04 -1.82
CA LEU A 520 -0.66 6.24 -2.63
C LEU A 520 0.35 6.30 -3.76
N THR A 521 1.63 6.21 -3.42
CA THR A 521 2.67 6.41 -4.42
C THR A 521 2.72 5.32 -5.49
N ALA A 522 2.52 4.06 -5.12
CA ALA A 522 2.55 3.02 -6.13
C ALA A 522 1.40 3.19 -7.14
N TRP A 523 0.22 3.58 -6.67
CA TRP A 523 -0.86 3.90 -7.62
C TRP A 523 -0.47 5.08 -8.51
N GLN A 524 0.10 6.12 -7.92
CA GLN A 524 0.51 7.29 -8.70
C GLN A 524 1.53 6.87 -9.78
N ASN A 525 2.44 5.99 -9.40
CA ASN A 525 3.50 5.61 -10.34
C ASN A 525 2.93 4.85 -11.52
N TRP A 526 1.95 3.99 -11.25
CA TRP A 526 1.29 3.27 -12.33
C TRP A 526 0.59 4.28 -13.27
N ILE A 527 -0.12 5.25 -12.69
CA ILE A 527 -0.80 6.28 -13.47
C ILE A 527 0.21 7.07 -14.30
N PHE A 528 1.33 7.45 -13.68
CA PHE A 528 2.40 8.24 -14.31
C PHE A 528 3.02 7.54 -15.51
N ASN A 529 2.90 6.23 -15.57
CA ASN A 529 3.58 5.49 -16.63
C ASN A 529 2.64 5.12 -17.78
N ARG A 530 1.48 5.78 -17.83
CA ARG A 530 0.46 5.44 -18.83
C ARG A 530 0.02 6.67 -19.63
N PRO A 531 -0.46 6.43 -20.86
CA PRO A 531 -0.68 7.55 -21.77
C PRO A 531 -1.84 8.48 -21.41
N ASN A 532 -2.81 8.01 -20.65
CA ASN A 532 -3.88 8.94 -20.28
C ASN A 532 -3.30 10.16 -19.55
N ALA A 533 -2.29 9.92 -18.71
CA ALA A 533 -1.67 10.99 -17.97
C ALA A 533 -0.57 11.69 -18.76
N VAL A 534 0.32 10.90 -19.38
CA VAL A 534 1.56 11.45 -19.90
C VAL A 534 1.74 11.34 -21.42
N GLY A 535 0.69 10.91 -22.12
CA GLY A 535 0.76 10.77 -23.59
C GLY A 535 0.77 12.12 -24.28
N GLU A 536 1.12 12.14 -25.56
CA GLU A 536 1.17 13.43 -26.28
C GLU A 536 -0.14 14.22 -26.22
N LYS A 537 -1.26 13.50 -26.18
CA LYS A 537 -2.57 14.11 -26.03
C LYS A 537 -3.22 13.70 -24.71
N GLY A 538 -2.41 13.38 -23.72
CA GLY A 538 -2.92 13.10 -22.36
C GLY A 538 -3.18 14.36 -21.56
N ALA A 539 -3.62 14.16 -20.32
CA ALA A 539 -4.08 15.27 -19.48
C ALA A 539 -3.02 16.31 -19.18
N LEU A 540 -1.80 15.87 -18.86
CA LEU A 540 -0.77 16.83 -18.54
C LEU A 540 -0.42 17.69 -19.75
N LYS A 541 -0.26 17.05 -20.89
CA LYS A 541 0.24 17.76 -22.06
C LYS A 541 -0.82 18.62 -22.76
N VAL A 542 -2.11 18.32 -22.57
CA VAL A 542 -3.12 19.21 -23.15
C VAL A 542 -3.37 20.46 -22.30
N TYR A 543 -2.86 20.48 -21.08
CA TYR A 543 -3.12 21.58 -20.19
C TYR A 543 -2.85 22.94 -20.85
N GLY A 544 -3.84 23.82 -20.77
CA GLY A 544 -3.69 25.20 -21.24
C GLY A 544 -3.85 25.34 -22.75
N LYS A 545 -3.99 24.22 -23.44
CA LYS A 545 -3.99 24.22 -24.91
C LYS A 545 -5.36 24.51 -25.54
N GLY A 546 -6.41 24.38 -24.74
CA GLY A 546 -7.77 24.56 -25.24
C GLY A 546 -8.27 23.35 -26.01
N SER A 547 -7.64 22.20 -25.76
CA SER A 547 -8.08 20.93 -26.37
C SER A 547 -8.50 19.94 -25.31
N LYS A 548 -9.15 18.86 -25.72
CA LYS A 548 -9.56 17.83 -24.79
C LYS A 548 -8.56 16.68 -24.76
N ALA A 549 -8.27 16.18 -23.56
CA ALA A 549 -7.41 15.02 -23.44
C ALA A 549 -8.03 13.85 -24.16
N GLN A 550 -7.18 13.00 -24.74
CA GLN A 550 -7.64 11.77 -25.34
C GLN A 550 -7.35 10.63 -24.37
N PHE A 551 -8.39 9.95 -23.92
CA PHE A 551 -8.23 8.87 -22.94
C PHE A 551 -8.61 7.51 -23.51
N ASP A 552 -7.81 6.50 -23.18
CA ASP A 552 -8.28 5.14 -23.25
C ASP A 552 -9.29 5.01 -22.12
N VAL A 553 -10.51 4.60 -22.44
CA VAL A 553 -11.58 4.67 -21.44
C VAL A 553 -11.67 3.42 -20.59
N SER A 554 -10.91 2.39 -20.92
CA SER A 554 -11.07 1.11 -20.24
C SER A 554 -10.40 0.98 -18.85
N ARG A 555 -11.12 0.33 -17.93
CA ARG A 555 -10.63 0.14 -16.57
C ARG A 555 -9.68 -1.07 -16.51
N VAL A 556 -8.87 -1.10 -15.46
CA VAL A 556 -7.89 -2.17 -15.27
C VAL A 556 -8.08 -2.74 -13.84
N ALA B 9 -13.36 -13.97 -26.38
CA ALA B 9 -14.75 -14.26 -25.92
C ALA B 9 -14.92 -13.96 -24.45
N PRO B 10 -16.18 -13.88 -24.02
CA PRO B 10 -16.45 -13.61 -22.61
C PRO B 10 -16.20 -14.80 -21.71
N VAL B 11 -15.88 -14.55 -20.46
CA VAL B 11 -15.64 -15.59 -19.48
C VAL B 11 -16.94 -15.89 -18.71
N ASP B 12 -17.24 -17.18 -18.54
CA ASP B 12 -18.35 -17.61 -17.70
C ASP B 12 -17.75 -18.27 -16.48
N TYR B 13 -18.05 -17.76 -15.29
CA TYR B 13 -17.48 -18.32 -14.08
C TYR B 13 -18.27 -19.51 -13.52
N ARG B 14 -19.38 -19.88 -14.17
CA ARG B 14 -20.17 -21.02 -13.73
C ARG B 14 -19.58 -22.35 -14.16
N THR B 15 -19.40 -23.25 -13.21
CA THR B 15 -18.94 -24.59 -13.50
C THR B 15 -19.42 -25.54 -12.41
N ASP B 16 -19.06 -26.81 -12.50
CA ASP B 16 -19.39 -27.78 -11.46
C ASP B 16 -18.48 -28.98 -11.63
N PRO B 17 -18.38 -29.84 -10.61
CA PRO B 17 -17.39 -30.92 -10.66
C PRO B 17 -17.47 -31.82 -11.90
N SER B 18 -18.68 -32.04 -12.42
CA SER B 18 -18.82 -32.87 -13.61
C SER B 18 -18.07 -32.31 -14.83
N GLN B 19 -17.79 -31.01 -14.80
CA GLN B 19 -17.15 -30.28 -15.90
C GLN B 19 -15.66 -30.00 -15.62
N TYR B 20 -15.17 -30.29 -14.41
CA TYR B 20 -13.80 -29.88 -14.09
C TYR B 20 -12.79 -30.53 -15.03
N LYS B 21 -11.89 -29.72 -15.57
CA LYS B 21 -10.78 -30.22 -16.36
C LYS B 21 -9.54 -30.40 -15.51
N HIS B 22 -9.45 -29.66 -14.41
CA HIS B 22 -8.15 -29.45 -13.78
C HIS B 22 -8.02 -29.97 -12.36
N TRP B 23 -9.13 -30.38 -11.75
CA TRP B 23 -9.15 -30.73 -10.32
C TRP B 23 -9.92 -32.02 -10.09
N LYS B 24 -9.46 -32.82 -9.14
CA LYS B 24 -10.21 -33.99 -8.67
C LYS B 24 -10.56 -33.79 -7.19
N LEU B 25 -11.79 -34.11 -6.82
CA LEU B 25 -12.23 -34.00 -5.44
C LEU B 25 -12.65 -35.37 -4.94
N SER B 26 -12.16 -35.76 -3.77
CA SER B 26 -12.60 -37.02 -3.21
C SER B 26 -12.75 -36.86 -1.71
N PHE B 27 -13.54 -37.74 -1.11
CA PHE B 27 -13.98 -37.57 0.25
C PHE B 27 -13.79 -38.85 1.03
N ASN B 28 -13.22 -38.72 2.23
CA ASN B 28 -12.97 -39.85 3.09
C ASN B 28 -13.27 -39.43 4.53
N GLY B 29 -14.49 -39.69 4.99
CA GLY B 29 -14.84 -39.15 6.31
C GLY B 29 -14.63 -37.64 6.37
N PRO B 30 -13.97 -37.14 7.43
CA PRO B 30 -13.87 -35.70 7.63
C PRO B 30 -12.81 -35.03 6.78
N VAL B 31 -12.12 -35.79 5.91
CA VAL B 31 -11.05 -35.22 5.10
C VAL B 31 -11.43 -35.21 3.61
N ALA B 32 -11.47 -34.03 3.00
CA ALA B 32 -11.61 -33.93 1.55
C ALA B 32 -10.25 -33.79 0.95
N THR B 33 -10.01 -34.48 -0.16
CA THR B 33 -8.74 -34.32 -0.86
C THR B 33 -9.00 -33.62 -2.18
N LEU B 34 -8.33 -32.48 -2.36
CA LEU B 34 -8.45 -31.70 -3.58
C LEU B 34 -7.16 -31.88 -4.38
N GLY B 35 -7.24 -32.60 -5.50
CA GLY B 35 -6.05 -32.98 -6.25
C GLY B 35 -5.84 -32.10 -7.44
N ILE B 36 -4.66 -31.51 -7.54
CA ILE B 36 -4.29 -30.68 -8.68
C ILE B 36 -3.93 -31.59 -9.86
N ASP B 37 -4.67 -31.49 -10.94
CA ASP B 37 -4.40 -32.33 -12.10
C ASP B 37 -4.73 -31.57 -13.37
N ILE B 38 -3.96 -30.53 -13.61
CA ILE B 38 -4.26 -29.56 -14.63
C ILE B 38 -4.08 -30.15 -16.03
N ALA B 39 -5.08 -29.92 -16.88
CA ALA B 39 -5.13 -30.43 -18.25
C ALA B 39 -4.36 -29.50 -19.17
N GLU B 40 -3.29 -30.00 -19.78
CA GLU B 40 -2.38 -29.11 -20.48
C GLU B 40 -3.04 -28.45 -21.71
N ASP B 41 -4.07 -29.12 -22.22
CA ASP B 41 -4.83 -28.69 -23.37
C ASP B 41 -6.04 -27.84 -22.95
N GLY B 42 -6.15 -27.55 -21.67
CA GLY B 42 -7.39 -26.94 -21.17
C GLY B 42 -7.37 -25.44 -20.90
N GLY B 43 -6.47 -24.72 -21.55
CA GLY B 43 -6.37 -23.26 -21.40
C GLY B 43 -7.69 -22.56 -21.68
N ILE B 44 -8.02 -21.57 -20.86
CA ILE B 44 -9.26 -20.81 -21.03
C ILE B 44 -9.17 -19.88 -22.25
N ARG B 45 -7.96 -19.45 -22.58
CA ARG B 45 -7.71 -18.63 -23.78
C ARG B 45 -6.71 -19.39 -24.63
N ASP B 46 -6.51 -18.94 -25.86
CA ASP B 46 -5.70 -19.77 -26.76
C ASP B 46 -4.25 -19.37 -26.79
N GLY B 47 -3.44 -20.22 -27.41
CA GLY B 47 -2.06 -19.87 -27.68
C GLY B 47 -1.02 -20.45 -26.74
N TYR B 48 -1.46 -21.22 -25.74
CA TYR B 48 -0.52 -21.79 -24.77
C TYR B 48 -1.00 -23.15 -24.26
N LYS B 49 -0.05 -23.96 -23.80
CA LYS B 49 -0.34 -25.20 -23.09
C LYS B 49 -0.16 -24.96 -21.59
N LEU B 50 -0.86 -25.73 -20.76
CA LEU B 50 -0.65 -25.61 -19.31
C LEU B 50 0.17 -26.79 -18.78
N LYS B 51 1.48 -26.77 -19.00
CA LYS B 51 2.26 -27.92 -18.59
C LYS B 51 2.69 -27.89 -17.12
N LEU B 52 2.97 -29.06 -16.57
CA LEU B 52 3.57 -29.19 -15.24
C LEU B 52 2.71 -28.46 -14.18
N ASN B 53 1.40 -28.68 -14.24
CA ASN B 53 0.50 -28.09 -13.24
C ASN B 53 0.79 -26.59 -13.13
N SER B 54 0.86 -25.91 -14.27
CA SER B 54 0.88 -24.42 -14.28
C SER B 54 -0.56 -23.99 -14.59
N TYR B 55 -0.94 -22.77 -14.21
CA TYR B 55 -2.37 -22.44 -14.21
C TYR B 55 -2.73 -21.14 -14.92
N ASP B 56 -4.02 -21.00 -15.24
CA ASP B 56 -4.58 -19.79 -15.81
C ASP B 56 -5.91 -19.46 -15.10
N LEU B 57 -6.62 -18.45 -15.59
CA LEU B 57 -7.87 -18.06 -14.93
C LEU B 57 -8.88 -19.22 -14.82
N GLY B 58 -8.98 -20.05 -15.87
CA GLY B 58 -9.90 -21.18 -15.87
C GLY B 58 -9.61 -22.19 -14.74
N VAL B 59 -8.33 -22.45 -14.49
CA VAL B 59 -7.98 -23.32 -13.38
C VAL B 59 -8.50 -22.76 -12.05
N ASP B 60 -8.37 -21.45 -11.87
CA ASP B 60 -8.79 -20.83 -10.63
C ASP B 60 -10.31 -20.74 -10.52
N ILE B 61 -10.98 -20.59 -11.65
CA ILE B 61 -12.44 -20.60 -11.67
C ILE B 61 -12.95 -21.94 -11.13
N GLU B 62 -12.28 -23.01 -11.52
CA GLU B 62 -12.64 -24.34 -11.00
C GLU B 62 -12.28 -24.48 -9.52
N LEU B 63 -11.12 -23.95 -9.14
CA LEU B 63 -10.70 -24.02 -7.73
C LEU B 63 -11.70 -23.29 -6.85
N HIS B 64 -12.07 -22.07 -7.25
CA HIS B 64 -13.08 -21.31 -6.52
C HIS B 64 -14.37 -22.13 -6.34
N ASP B 65 -14.83 -22.75 -7.42
CA ASP B 65 -16.02 -23.60 -7.33
C ASP B 65 -15.83 -24.79 -6.39
N ALA B 66 -14.68 -25.48 -6.49
CA ALA B 66 -14.42 -26.64 -5.64
C ALA B 66 -14.45 -26.30 -4.14
N ILE B 67 -13.88 -25.15 -3.76
CA ILE B 67 -13.96 -24.75 -2.37
C ILE B 67 -15.40 -24.45 -1.98
N GLN B 68 -16.15 -23.81 -2.88
CA GLN B 68 -17.55 -23.57 -2.63
C GLN B 68 -18.33 -24.88 -2.40
N ARG B 69 -18.00 -25.89 -3.19
CA ARG B 69 -18.65 -27.19 -3.05
C ARG B 69 -18.37 -27.80 -1.69
N ILE B 70 -17.10 -27.76 -1.27
CA ILE B 70 -16.75 -28.29 0.05
C ILE B 70 -17.52 -27.53 1.14
N ARG B 71 -17.52 -26.21 1.05
CA ARG B 71 -18.18 -25.38 2.05
C ARG B 71 -19.66 -25.74 2.23
N PHE B 72 -20.39 -25.82 1.14
CA PHE B 72 -21.85 -25.98 1.18
C PHE B 72 -22.35 -27.40 1.01
N GLU B 73 -21.66 -28.20 0.21
CA GLU B 73 -22.14 -29.55 -0.12
C GLU B 73 -21.58 -30.63 0.81
N HIS B 74 -20.58 -30.28 1.61
CA HIS B 74 -19.92 -31.23 2.48
C HIS B 74 -19.79 -30.73 3.91
N PRO B 75 -20.94 -30.52 4.59
CA PRO B 75 -20.94 -30.07 5.98
C PRO B 75 -20.16 -30.99 6.92
N GLU B 76 -20.00 -32.28 6.59
CA GLU B 76 -19.35 -33.18 7.54
C GLU B 76 -17.84 -33.16 7.34
N VAL B 77 -17.37 -32.48 6.29
CA VAL B 77 -15.93 -32.40 6.05
C VAL B 77 -15.34 -31.30 6.93
N ARG B 78 -14.14 -31.56 7.46
CA ARG B 78 -13.49 -30.62 8.40
C ARG B 78 -12.11 -30.16 7.96
N THR B 79 -11.42 -31.01 7.20
CA THR B 79 -10.10 -30.66 6.70
C THR B 79 -10.03 -30.90 5.22
N VAL B 80 -9.34 -30.02 4.51
CA VAL B 80 -9.12 -30.18 3.08
C VAL B 80 -7.63 -30.35 2.84
N VAL B 81 -7.25 -31.49 2.26
CA VAL B 81 -5.86 -31.73 1.88
C VAL B 81 -5.66 -31.36 0.42
N LEU B 82 -4.76 -30.41 0.17
CA LEU B 82 -4.43 -30.00 -1.20
C LEU B 82 -3.18 -30.72 -1.66
N THR B 83 -3.29 -31.49 -2.74
CA THR B 83 -2.19 -32.34 -3.17
C THR B 83 -2.16 -32.39 -4.68
N SER B 84 -1.00 -32.73 -5.25
CA SER B 84 -0.88 -32.87 -6.70
C SER B 84 -1.06 -34.32 -7.14
N LEU B 85 -1.72 -34.50 -8.29
CA LEU B 85 -1.84 -35.84 -8.89
C LEU B 85 -0.80 -36.06 -9.98
N LYS B 86 0.18 -35.16 -10.08
CA LYS B 86 1.23 -35.32 -11.07
C LYS B 86 2.57 -35.65 -10.44
N ASP B 87 3.31 -36.53 -11.10
CA ASP B 87 4.65 -36.88 -10.65
C ASP B 87 5.62 -35.69 -10.74
N ARG B 88 6.43 -35.53 -9.70
CA ARG B 88 7.55 -34.56 -9.68
C ARG B 88 7.18 -33.08 -9.62
N VAL B 89 5.88 -32.77 -9.69
CA VAL B 89 5.46 -31.36 -9.60
C VAL B 89 4.22 -31.25 -8.71
N PHE B 90 4.23 -30.27 -7.81
CA PHE B 90 3.05 -29.94 -7.02
C PHE B 90 2.28 -28.93 -7.86
N CYS B 91 2.88 -27.76 -8.03
CA CYS B 91 2.30 -26.70 -8.85
C CYS B 91 3.42 -25.78 -9.29
N SER B 92 3.51 -25.48 -10.58
CA SER B 92 4.61 -24.63 -11.09
C SER B 92 4.18 -23.19 -11.29
N GLY B 93 2.97 -22.84 -10.84
CA GLY B 93 2.59 -21.43 -10.78
C GLY B 93 1.77 -20.97 -11.97
N ALA B 94 1.55 -19.66 -12.05
CA ALA B 94 0.81 -19.07 -13.17
C ALA B 94 1.60 -19.33 -14.46
N ASN B 95 0.91 -19.78 -15.51
CA ASN B 95 1.62 -20.17 -16.75
C ASN B 95 2.29 -18.97 -17.41
N ILE B 96 3.60 -19.09 -17.65
CA ILE B 96 4.39 -17.97 -18.14
C ILE B 96 4.00 -17.59 -19.58
N PHE B 97 3.73 -18.59 -20.42
CA PHE B 97 3.32 -18.30 -21.79
C PHE B 97 2.01 -17.57 -21.79
N MET B 98 1.06 -18.05 -20.98
CA MET B 98 -0.20 -17.35 -20.80
C MET B 98 0.02 -15.91 -20.38
N LEU B 99 0.88 -15.65 -19.40
CA LEU B 99 1.10 -14.28 -18.94
C LEU B 99 1.65 -13.40 -20.06
N GLY B 100 2.61 -13.94 -20.82
CA GLY B 100 3.23 -13.20 -21.91
C GLY B 100 2.21 -12.83 -22.97
N LEU B 101 1.19 -13.67 -23.16
CA LEU B 101 0.18 -13.45 -24.21
C LEU B 101 -1.01 -12.61 -23.73
N SER B 102 -1.04 -12.29 -22.46
CA SER B 102 -2.19 -11.60 -21.86
C SER B 102 -2.07 -10.09 -21.90
N THR B 103 -3.21 -9.42 -22.07
CA THR B 103 -3.19 -7.96 -21.94
C THR B 103 -2.96 -7.54 -20.50
N HIS B 104 -2.63 -6.27 -20.34
CA HIS B 104 -2.42 -5.72 -19.02
C HIS B 104 -3.68 -5.89 -18.17
N ALA B 105 -4.82 -5.48 -18.70
CA ALA B 105 -6.08 -5.64 -17.95
C ALA B 105 -6.37 -7.09 -17.59
N TRP B 106 -6.10 -8.02 -18.51
CA TRP B 106 -6.36 -9.42 -18.23
C TRP B 106 -5.49 -9.91 -17.05
N LYS B 107 -4.21 -9.55 -17.06
CA LYS B 107 -3.33 -9.95 -15.96
C LYS B 107 -3.84 -9.40 -14.64
N VAL B 108 -4.29 -8.13 -14.64
CA VAL B 108 -4.68 -7.49 -13.38
C VAL B 108 -5.95 -8.14 -12.84
N ASN B 109 -6.89 -8.45 -13.71
CA ASN B 109 -8.07 -9.18 -13.26
C ASN B 109 -7.69 -10.58 -12.75
N PHE B 110 -6.79 -11.25 -13.46
CA PHE B 110 -6.34 -12.60 -13.10
C PHE B 110 -5.69 -12.61 -11.72
N CYS B 111 -4.81 -11.63 -11.48
CA CYS B 111 -4.22 -11.45 -10.15
C CYS B 111 -5.28 -11.19 -9.08
N LYS B 112 -6.25 -10.34 -9.39
CA LYS B 112 -7.24 -9.99 -8.37
C LYS B 112 -8.13 -11.18 -8.01
N PHE B 113 -8.62 -11.89 -9.01
CA PHE B 113 -9.49 -13.03 -8.74
C PHE B 113 -8.74 -14.16 -8.03
N THR B 114 -7.56 -14.49 -8.52
CA THR B 114 -6.77 -15.53 -7.85
C THR B 114 -6.44 -15.11 -6.40
N ASN B 115 -6.16 -13.82 -6.18
CA ASN B 115 -5.96 -13.35 -4.80
C ASN B 115 -7.21 -13.56 -3.92
N GLU B 116 -8.40 -13.30 -4.48
CA GLU B 116 -9.62 -13.48 -3.71
C GLU B 116 -9.92 -14.94 -3.42
N THR B 117 -9.60 -15.84 -4.34
CA THR B 117 -9.79 -17.26 -4.10
C THR B 117 -8.92 -17.74 -2.94
N ARG B 118 -7.68 -17.27 -2.91
CA ARG B 118 -6.76 -17.61 -1.84
C ARG B 118 -7.16 -16.96 -0.51
N ASN B 119 -7.53 -15.67 -0.56
CA ASN B 119 -8.01 -15.04 0.66
C ASN B 119 -9.21 -15.81 1.22
N GLY B 120 -10.00 -16.39 0.33
CA GLY B 120 -11.17 -17.16 0.70
C GLY B 120 -10.86 -18.42 1.50
N LEU B 121 -9.69 -19.02 1.28
CA LEU B 121 -9.30 -20.19 2.07
C LEU B 121 -9.12 -19.77 3.51
N GLU B 122 -8.43 -18.64 3.71
CA GLU B 122 -8.21 -18.14 5.06
C GLU B 122 -9.54 -17.66 5.70
N ASP B 123 -10.39 -17.03 4.90
CA ASP B 123 -11.72 -16.64 5.34
C ASP B 123 -12.49 -17.84 5.91
N SER B 124 -12.42 -18.98 5.21
CA SER B 124 -13.07 -20.21 5.70
C SER B 124 -12.34 -20.83 6.87
N SER B 125 -11.02 -20.69 6.94
CA SER B 125 -10.32 -21.17 8.13
C SER B 125 -10.80 -20.43 9.40
N ARG B 126 -11.05 -19.13 9.26
CA ARG B 126 -11.59 -18.34 10.35
C ARG B 126 -13.05 -18.60 10.65
N HIS B 127 -13.87 -18.76 9.61
CA HIS B 127 -15.32 -18.62 9.75
C HIS B 127 -16.16 -19.79 9.27
N SER B 128 -15.55 -20.84 8.71
CA SER B 128 -16.33 -21.97 8.19
C SER B 128 -16.13 -23.26 8.96
N GLY B 129 -15.14 -23.28 9.86
CA GLY B 129 -14.82 -24.54 10.55
C GLY B 129 -14.02 -25.50 9.68
N LEU B 130 -13.32 -24.97 8.68
CA LEU B 130 -12.45 -25.78 7.81
C LEU B 130 -10.99 -25.45 8.07
N LYS B 131 -10.12 -26.44 7.82
CA LYS B 131 -8.67 -26.20 7.80
C LYS B 131 -8.11 -26.74 6.49
N PHE B 132 -7.07 -26.10 5.97
CA PHE B 132 -6.47 -26.44 4.69
C PHE B 132 -5.02 -26.85 4.88
N LEU B 133 -4.69 -28.05 4.41
CA LEU B 133 -3.35 -28.58 4.58
C LEU B 133 -2.72 -28.81 3.22
N ALA B 134 -1.62 -28.10 2.91
CA ALA B 134 -0.94 -28.30 1.64
C ALA B 134 0.07 -29.44 1.78
N ALA B 135 -0.15 -30.52 1.02
CA ALA B 135 0.74 -31.69 1.02
C ALA B 135 1.62 -31.61 -0.23
N VAL B 136 2.83 -31.09 -0.04
CA VAL B 136 3.67 -30.71 -1.18
C VAL B 136 4.71 -31.76 -1.48
N ASN B 137 4.53 -32.40 -2.64
CA ASN B 137 5.45 -33.42 -3.13
C ASN B 137 5.86 -32.93 -4.52
N GLY B 138 7.16 -32.77 -4.75
CA GLY B 138 7.61 -32.29 -6.03
C GLY B 138 7.86 -30.78 -6.01
N ALA B 139 8.05 -30.20 -7.18
CA ALA B 139 8.36 -28.78 -7.29
C ALA B 139 7.15 -27.92 -6.96
N CYS B 140 7.37 -26.93 -6.11
CA CYS B 140 6.31 -26.04 -5.67
C CYS B 140 6.84 -24.63 -5.86
N ALA B 141 6.57 -24.09 -7.04
CA ALA B 141 7.26 -22.89 -7.49
C ALA B 141 6.32 -21.75 -7.81
N GLY B 142 6.71 -20.55 -7.38
CA GLY B 142 5.98 -19.36 -7.77
C GLY B 142 4.55 -19.43 -7.27
N GLY B 143 3.60 -19.26 -8.18
CA GLY B 143 2.19 -19.39 -7.81
C GLY B 143 1.86 -20.69 -7.10
N GLY B 144 2.62 -21.76 -7.37
CA GLY B 144 2.45 -22.98 -6.58
C GLY B 144 2.66 -22.75 -5.09
N TYR B 145 3.75 -22.07 -4.74
CA TYR B 145 4.02 -21.78 -3.34
C TYR B 145 3.03 -20.74 -2.81
N GLU B 146 2.61 -19.81 -3.66
CA GLU B 146 1.60 -18.81 -3.23
C GLU B 146 0.27 -19.46 -2.85
N LEU B 147 -0.08 -20.55 -3.53
CA LEU B 147 -1.30 -21.26 -3.16
C LEU B 147 -1.07 -21.99 -1.83
N ALA B 148 0.07 -22.66 -1.69
CA ALA B 148 0.34 -23.35 -0.42
C ALA B 148 0.36 -22.38 0.78
N LEU B 149 0.90 -21.18 0.56
CA LEU B 149 0.93 -20.12 1.58
C LEU B 149 -0.45 -19.78 2.14
N ALA B 150 -1.49 -19.89 1.31
CA ALA B 150 -2.85 -19.52 1.73
C ALA B 150 -3.48 -20.66 2.54
N CYS B 151 -2.86 -21.84 2.52
CA CYS B 151 -3.31 -22.92 3.39
C CYS B 151 -2.94 -22.66 4.85
N ASP B 152 -3.54 -23.44 5.74
CA ASP B 152 -3.21 -23.29 7.17
C ASP B 152 -1.83 -23.81 7.50
N GLU B 153 -1.45 -24.93 6.88
CA GLU B 153 -0.12 -25.51 7.09
C GLU B 153 0.40 -26.06 5.78
N ILE B 154 1.72 -26.14 5.67
CA ILE B 154 2.39 -26.67 4.51
C ILE B 154 3.35 -27.76 4.99
N TYR B 155 3.14 -28.97 4.49
CA TYR B 155 4.04 -30.10 4.74
C TYR B 155 4.76 -30.45 3.43
N LEU B 156 6.09 -30.59 3.51
CA LEU B 156 6.91 -30.80 2.34
C LEU B 156 7.64 -32.14 2.44
N VAL B 157 7.60 -32.92 1.35
CA VAL B 157 8.35 -34.18 1.30
C VAL B 157 9.84 -33.86 1.44
N ASP B 158 10.53 -34.65 2.27
CA ASP B 158 11.95 -34.47 2.49
C ASP B 158 12.72 -35.36 1.50
N ASP B 159 12.85 -34.87 0.27
CA ASP B 159 13.67 -35.51 -0.75
C ASP B 159 14.11 -34.47 -1.77
N ARG B 160 15.00 -34.84 -2.67
CA ARG B 160 15.58 -33.85 -3.56
C ARG B 160 14.57 -33.28 -4.54
N SER B 161 13.58 -34.08 -4.93
CA SER B 161 12.61 -33.67 -5.95
C SER B 161 11.64 -32.59 -5.44
N SER B 162 11.57 -32.46 -4.12
CA SER B 162 10.58 -31.57 -3.49
C SER B 162 11.20 -30.28 -2.98
N SER B 163 10.72 -29.13 -3.45
CA SER B 163 11.27 -27.87 -2.97
C SER B 163 10.21 -26.81 -3.09
N VAL B 164 10.42 -25.71 -2.36
CA VAL B 164 9.61 -24.51 -2.54
C VAL B 164 10.46 -23.40 -3.14
N SER B 165 9.86 -22.59 -4.02
CA SER B 165 10.58 -21.47 -4.61
C SER B 165 9.62 -20.36 -5.01
N LEU B 166 10.18 -19.16 -5.13
CA LEU B 166 9.46 -18.01 -5.69
C LEU B 166 10.40 -17.36 -6.71
N PRO B 167 10.46 -17.93 -7.93
CA PRO B 167 11.39 -17.49 -8.95
C PRO B 167 10.91 -16.28 -9.75
N GLU B 168 9.75 -15.73 -9.41
CA GLU B 168 9.15 -14.66 -10.22
C GLU B 168 10.11 -13.52 -10.55
N VAL B 169 10.84 -13.01 -9.57
CA VAL B 169 11.72 -11.87 -9.82
C VAL B 169 12.83 -12.20 -10.81
N PRO B 170 13.65 -13.21 -10.52
CA PRO B 170 14.75 -13.48 -11.44
C PRO B 170 14.34 -14.08 -12.78
N LEU B 171 13.25 -14.85 -12.80
CA LEU B 171 12.84 -15.58 -14.02
C LEU B 171 11.88 -14.78 -14.90
N LEU B 172 10.91 -14.13 -14.28
CA LEU B 172 9.82 -13.46 -14.99
C LEU B 172 9.92 -11.93 -14.92
N GLY B 173 10.81 -11.39 -14.09
CA GLY B 173 10.86 -9.94 -13.90
C GLY B 173 9.59 -9.37 -13.29
N VAL B 174 8.85 -10.20 -12.55
CA VAL B 174 7.66 -9.71 -11.82
C VAL B 174 7.72 -10.19 -10.39
N LEU B 175 6.76 -9.76 -9.57
CA LEU B 175 6.72 -10.21 -8.17
C LEU B 175 5.87 -11.46 -8.03
N PRO B 176 6.04 -12.17 -6.90
CA PRO B 176 5.00 -13.09 -6.40
C PRO B 176 3.80 -12.22 -5.98
N GLY B 177 2.92 -11.97 -6.93
CA GLY B 177 1.86 -10.97 -6.77
C GLY B 177 0.52 -11.54 -6.35
N THR B 178 0.46 -12.85 -6.20
CA THR B 178 -0.78 -13.49 -5.72
C THR B 178 -0.70 -13.62 -4.22
N GLY B 179 -0.32 -12.52 -3.57
CA GLY B 179 -0.21 -12.51 -2.13
C GLY B 179 1.07 -13.14 -1.59
N GLY B 180 1.95 -13.60 -2.48
CA GLY B 180 3.13 -14.35 -2.03
C GLY B 180 4.02 -13.55 -1.09
N LEU B 181 4.41 -12.34 -1.48
CA LEU B 181 5.34 -11.61 -0.62
C LEU B 181 4.66 -11.28 0.71
N THR B 182 3.41 -10.86 0.65
CA THR B 182 2.70 -10.44 1.85
C THR B 182 2.49 -11.62 2.79
N ARG B 183 2.27 -12.81 2.26
CA ARG B 183 2.15 -13.94 3.17
C ARG B 183 3.50 -14.38 3.74
N VAL B 184 4.55 -14.28 2.93
CA VAL B 184 5.89 -14.64 3.39
C VAL B 184 6.24 -13.79 4.61
N THR B 185 5.92 -12.49 4.55
CA THR B 185 6.24 -11.63 5.70
C THR B 185 5.18 -11.66 6.79
N ASP B 186 3.93 -11.44 6.40
CA ASP B 186 2.87 -11.17 7.39
C ASP B 186 2.36 -12.43 8.07
N LYS B 187 2.36 -13.54 7.33
CA LYS B 187 1.81 -14.81 7.81
C LYS B 187 2.90 -15.76 8.29
N ARG B 188 3.91 -15.99 7.46
CA ARG B 188 4.99 -16.91 7.83
C ARG B 188 6.06 -16.25 8.70
N LYS B 189 6.16 -14.92 8.63
CA LYS B 189 7.16 -14.21 9.42
C LYS B 189 8.58 -14.65 9.06
N VAL B 190 8.81 -14.83 7.77
CA VAL B 190 10.16 -15.15 7.27
C VAL B 190 11.03 -13.89 7.39
N ARG B 191 12.20 -14.02 8.03
CA ARG B 191 13.02 -12.82 8.21
C ARG B 191 13.31 -12.16 6.86
N HIS B 192 13.19 -10.83 6.76
CA HIS B 192 13.09 -10.20 5.44
C HIS B 192 14.29 -10.47 4.55
N ASP B 193 15.49 -10.52 5.13
CA ASP B 193 16.69 -10.76 4.31
C ASP B 193 16.78 -12.21 3.84
N ARG B 194 16.25 -13.14 4.62
CA ARG B 194 16.07 -14.50 4.09
C ARG B 194 15.02 -14.55 2.97
N ALA B 195 13.94 -13.80 3.16
CA ALA B 195 12.94 -13.71 2.10
C ALA B 195 13.56 -13.13 0.83
N ASP B 196 14.47 -12.17 0.98
CA ASP B 196 15.13 -11.59 -0.19
C ASP B 196 15.87 -12.68 -0.95
N ILE B 197 16.65 -13.48 -0.23
CA ILE B 197 17.34 -14.59 -0.89
C ILE B 197 16.33 -15.53 -1.56
N PHE B 198 15.28 -15.87 -0.84
CA PHE B 198 14.26 -16.78 -1.37
C PHE B 198 13.62 -16.23 -2.64
N CYS B 199 13.43 -14.91 -2.71
CA CYS B 199 12.73 -14.32 -3.86
C CYS B 199 13.62 -13.86 -5.01
N THR B 200 14.92 -14.14 -4.93
CA THR B 200 15.84 -13.68 -5.96
C THR B 200 16.72 -14.79 -6.49
N VAL B 201 16.24 -16.01 -6.34
CA VAL B 201 16.93 -17.18 -6.90
C VAL B 201 15.89 -18.17 -7.45
N VAL B 202 16.29 -18.93 -8.46
CA VAL B 202 15.36 -19.87 -9.07
C VAL B 202 15.40 -21.21 -8.32
N GLU B 203 16.61 -21.68 -8.02
CA GLU B 203 16.79 -22.95 -7.30
C GLU B 203 16.03 -22.95 -5.97
N GLY B 204 15.21 -23.99 -5.78
CA GLY B 204 14.30 -24.07 -4.63
C GLY B 204 14.98 -24.45 -3.33
N VAL B 205 14.27 -24.19 -2.23
CA VAL B 205 14.71 -24.54 -0.88
C VAL B 205 14.06 -25.86 -0.48
N ARG B 206 14.84 -26.73 0.15
CA ARG B 206 14.38 -28.07 0.50
C ARG B 206 14.42 -28.35 1.98
N GLY B 207 13.68 -29.38 2.40
CA GLY B 207 13.88 -30.01 3.70
C GLY B 207 14.04 -29.12 4.91
N GLU B 208 15.06 -29.40 5.69
CA GLU B 208 15.12 -28.77 7.00
C GLU B 208 15.39 -27.27 6.89
N ARG B 209 16.05 -26.82 5.82
CA ARG B 209 16.26 -25.37 5.66
C ARG B 209 14.93 -24.65 5.42
N ALA B 210 14.09 -25.23 4.57
CA ALA B 210 12.75 -24.65 4.37
C ALA B 210 11.99 -24.51 5.69
N LYS B 211 12.07 -25.51 6.56
CA LYS B 211 11.39 -25.45 7.85
C LYS B 211 12.08 -24.42 8.76
N ALA B 212 13.41 -24.44 8.77
CA ALA B 212 14.16 -23.54 9.63
C ALA B 212 13.86 -22.07 9.29
N TRP B 213 13.70 -21.79 8.00
CA TRP B 213 13.46 -20.42 7.55
C TRP B 213 12.00 -19.99 7.69
N ARG B 214 11.16 -20.90 8.17
CA ARG B 214 9.71 -20.68 8.36
C ARG B 214 8.90 -20.74 7.05
N LEU B 215 9.47 -21.32 6.01
CA LEU B 215 8.78 -21.39 4.73
C LEU B 215 7.78 -22.53 4.67
N VAL B 216 8.03 -23.61 5.44
CA VAL B 216 7.04 -24.69 5.57
C VAL B 216 6.95 -25.09 7.05
N ASP B 217 5.90 -25.82 7.39
CA ASP B 217 5.66 -26.19 8.78
C ASP B 217 6.32 -27.47 9.20
N GLU B 218 6.31 -28.46 8.30
CA GLU B 218 6.92 -29.74 8.58
C GLU B 218 7.51 -30.34 7.32
N VAL B 219 8.54 -31.16 7.50
CA VAL B 219 9.10 -31.95 6.41
C VAL B 219 9.12 -33.42 6.85
N VAL B 220 8.77 -34.31 5.92
CA VAL B 220 8.60 -35.72 6.24
C VAL B 220 9.21 -36.57 5.14
N LYS B 221 9.97 -37.60 5.52
CA LYS B 221 10.56 -38.51 4.53
C LYS B 221 9.46 -39.14 3.68
N PRO B 222 9.77 -39.45 2.41
CA PRO B 222 8.79 -39.95 1.46
C PRO B 222 8.00 -41.16 1.95
N ASN B 223 8.66 -42.13 2.58
CA ASN B 223 7.93 -43.32 3.05
C ASN B 223 6.94 -43.09 4.18
N GLN B 224 7.06 -41.96 4.88
CA GLN B 224 6.17 -41.67 6.00
C GLN B 224 5.20 -40.53 5.64
N PHE B 225 5.39 -39.94 4.46
CA PHE B 225 4.67 -38.71 4.11
C PHE B 225 3.15 -38.88 4.10
N ASP B 226 2.65 -39.87 3.38
CA ASP B 226 1.21 -40.02 3.25
C ASP B 226 0.56 -40.20 4.61
N GLN B 227 1.13 -41.06 5.44
CA GLN B 227 0.59 -41.30 6.76
C GLN B 227 0.61 -40.03 7.62
N ALA B 228 1.69 -39.26 7.53
CA ALA B 228 1.81 -38.03 8.28
C ALA B 228 0.78 -36.97 7.86
N ILE B 229 0.54 -36.87 6.56
CA ILE B 229 -0.47 -35.93 6.05
C ILE B 229 -1.83 -36.31 6.59
N GLN B 230 -2.21 -37.58 6.47
CA GLN B 230 -3.52 -37.99 6.93
C GLN B 230 -3.66 -37.81 8.46
N ALA B 231 -2.62 -38.14 9.22
CA ALA B 231 -2.71 -37.98 10.67
C ALA B 231 -2.86 -36.50 11.04
N ARG B 232 -2.13 -35.61 10.34
CA ARG B 232 -2.25 -34.19 10.63
C ARG B 232 -3.62 -33.70 10.20
N ALA B 233 -4.12 -34.21 9.07
CA ALA B 233 -5.46 -33.81 8.63
C ALA B 233 -6.50 -34.08 9.70
N LEU B 234 -6.40 -35.25 10.33
CA LEU B 234 -7.36 -35.59 11.38
C LEU B 234 -7.17 -34.74 12.64
N GLU B 235 -5.93 -34.38 12.95
CA GLU B 235 -5.68 -33.48 14.08
C GLU B 235 -6.32 -32.11 13.82
N LEU B 236 -6.16 -31.62 12.59
CA LEU B 236 -6.74 -30.32 12.21
C LEU B 236 -8.26 -30.40 12.20
N ALA B 237 -8.80 -31.59 11.92
CA ALA B 237 -10.25 -31.78 11.86
C ALA B 237 -10.85 -31.59 13.24
N ALA B 238 -10.14 -32.00 14.28
CA ALA B 238 -10.66 -31.88 15.63
C ALA B 238 -10.93 -30.44 16.04
N GLN B 239 -10.32 -29.47 15.36
CA GLN B 239 -10.53 -28.05 15.67
C GLN B 239 -11.92 -27.58 15.22
N SER B 240 -12.59 -28.36 14.41
CA SER B 240 -13.84 -27.92 13.78
C SER B 240 -15.06 -28.14 14.67
N ASP B 241 -16.13 -27.38 14.37
CA ASP B 241 -17.44 -27.58 14.96
C ASP B 241 -18.47 -28.04 13.91
N ARG B 242 -18.02 -28.33 12.69
CA ARG B 242 -18.96 -28.77 11.64
C ARG B 242 -19.66 -30.07 12.02
N PRO B 243 -20.87 -30.24 11.54
CA PRO B 243 -21.71 -31.33 12.08
C PRO B 243 -21.17 -32.71 11.81
N ALA B 244 -21.34 -33.62 12.77
CA ALA B 244 -21.06 -35.04 12.56
C ALA B 244 -22.08 -35.68 11.63
N HIS B 245 -23.29 -35.13 11.64
CA HIS B 245 -24.36 -35.66 10.79
C HIS B 245 -25.11 -34.52 10.12
N ALA B 246 -24.95 -34.39 8.81
CA ALA B 246 -25.70 -33.37 8.06
C ALA B 246 -25.60 -33.67 6.58
N GLN B 247 -26.70 -33.50 5.87
CA GLN B 247 -26.67 -33.58 4.42
C GLN B 247 -26.33 -32.21 3.88
N GLY B 248 -25.58 -32.19 2.79
CA GLY B 248 -25.12 -30.92 2.22
C GLY B 248 -26.25 -30.22 1.49
N VAL B 249 -25.95 -29.01 1.04
CA VAL B 249 -26.90 -28.21 0.26
C VAL B 249 -26.32 -28.08 -1.15
N PRO B 250 -26.92 -28.79 -2.13
CA PRO B 250 -26.38 -28.70 -3.48
C PRO B 250 -26.45 -27.28 -4.04
N LEU B 251 -25.33 -26.82 -4.57
CA LEU B 251 -25.28 -25.53 -5.23
C LEU B 251 -25.72 -25.71 -6.68
N THR B 252 -27.00 -25.53 -6.92
CA THR B 252 -27.60 -25.79 -8.23
C THR B 252 -27.13 -24.75 -9.24
N ARG B 253 -27.20 -25.07 -10.53
CA ARG B 253 -26.66 -24.16 -11.53
C ARG B 253 -27.45 -22.86 -11.52
N ILE B 254 -26.75 -21.74 -11.64
CA ILE B 254 -27.39 -20.44 -11.59
C ILE B 254 -28.03 -20.18 -12.95
N GLU B 255 -29.31 -19.84 -12.93
CA GLU B 255 -30.04 -19.51 -14.15
C GLU B 255 -29.77 -18.06 -14.48
N ARG B 256 -29.19 -17.84 -15.66
CA ARG B 256 -28.83 -16.49 -16.08
C ARG B 256 -29.17 -16.31 -17.54
N THR B 257 -29.80 -15.18 -17.89
CA THR B 257 -30.04 -14.89 -19.30
C THR B 257 -29.05 -13.81 -19.72
N ASP B 258 -28.26 -14.12 -20.75
CA ASP B 258 -27.31 -13.15 -21.26
C ASP B 258 -28.00 -12.30 -22.31
N ARG B 259 -27.88 -10.99 -22.19
CA ARG B 259 -28.46 -10.05 -23.18
C ARG B 259 -27.36 -9.22 -23.81
N GLU B 260 -27.63 -8.60 -24.95
CA GLU B 260 -26.64 -7.71 -25.53
C GLU B 260 -26.28 -6.58 -24.56
N ASP B 261 -27.26 -6.15 -23.78
CA ASP B 261 -27.14 -4.99 -22.89
C ASP B 261 -27.18 -5.37 -21.41
N GLY B 262 -26.89 -6.62 -21.08
CA GLY B 262 -26.83 -6.95 -19.67
C GLY B 262 -27.09 -8.38 -19.30
N LEU B 263 -27.51 -8.56 -18.04
CA LEU B 263 -27.70 -9.89 -17.46
C LEU B 263 -28.99 -9.95 -16.66
N THR B 264 -29.68 -11.08 -16.77
CA THR B 264 -30.90 -11.31 -15.99
C THR B 264 -30.72 -12.51 -15.07
N TYR B 265 -30.89 -12.28 -13.77
CA TYR B 265 -31.02 -13.33 -12.78
C TYR B 265 -32.32 -13.13 -12.00
N LYS B 266 -32.77 -14.16 -11.32
CA LYS B 266 -33.97 -14.03 -10.52
C LYS B 266 -33.88 -12.86 -9.53
N THR B 267 -32.75 -12.73 -8.83
CA THR B 267 -32.67 -11.74 -7.76
C THR B 267 -31.94 -10.46 -8.15
N LEU B 268 -31.60 -10.33 -9.43
CA LEU B 268 -30.71 -9.24 -9.84
C LEU B 268 -30.81 -8.97 -11.32
N ASP B 269 -30.98 -7.70 -11.66
CA ASP B 269 -30.83 -7.27 -13.05
C ASP B 269 -29.56 -6.45 -13.21
N VAL B 270 -28.84 -6.66 -14.31
CA VAL B 270 -27.76 -5.76 -14.70
C VAL B 270 -28.13 -5.25 -16.09
N THR B 271 -28.25 -3.93 -16.20
CA THR B 271 -28.52 -3.26 -17.46
C THR B 271 -27.39 -2.30 -17.80
N ILE B 272 -26.85 -2.43 -19.01
CA ILE B 272 -25.70 -1.66 -19.45
C ILE B 272 -26.10 -0.59 -20.44
N ASP B 273 -25.67 0.64 -20.18
CA ASP B 273 -25.77 1.71 -21.18
C ASP B 273 -24.38 1.92 -21.77
N ARG B 274 -24.18 1.50 -23.01
CA ARG B 274 -22.84 1.47 -23.57
C ARG B 274 -22.35 2.86 -23.94
N ALA B 275 -23.27 3.74 -24.30
CA ALA B 275 -22.90 5.10 -24.63
C ALA B 275 -22.42 5.86 -23.39
N LYS B 276 -23.16 5.71 -22.28
CA LYS B 276 -22.84 6.43 -21.05
C LYS B 276 -21.76 5.72 -20.25
N ARG B 277 -21.47 4.47 -20.64
CA ARG B 277 -20.51 3.61 -19.96
C ARG B 277 -20.88 3.33 -18.52
N ILE B 278 -22.14 2.97 -18.28
CA ILE B 278 -22.65 2.69 -16.93
C ILE B 278 -23.36 1.35 -16.90
N ALA B 279 -23.07 0.52 -15.91
CA ALA B 279 -23.86 -0.68 -15.65
C ALA B 279 -24.70 -0.44 -14.43
N THR B 280 -26.01 -0.62 -14.55
CA THR B 280 -26.90 -0.48 -13.38
C THR B 280 -27.27 -1.87 -12.86
N PHE B 281 -26.90 -2.12 -11.61
CA PHE B 281 -27.25 -3.36 -10.92
C PHE B 281 -28.49 -3.07 -10.10
N THR B 282 -29.60 -3.76 -10.38
CA THR B 282 -30.79 -3.61 -9.55
C THR B 282 -31.01 -4.90 -8.77
N ALA B 283 -30.68 -4.85 -7.48
CA ALA B 283 -30.80 -5.99 -6.59
C ALA B 283 -32.23 -6.10 -6.06
N LYS B 284 -32.74 -7.32 -5.99
CA LYS B 284 -34.17 -7.53 -5.67
C LYS B 284 -34.34 -8.28 -4.36
N ALA B 285 -35.14 -7.72 -3.46
CA ALA B 285 -35.39 -8.33 -2.15
C ALA B 285 -36.12 -9.66 -2.28
N PRO B 286 -36.19 -10.43 -1.18
CA PRO B 286 -37.02 -11.65 -1.27
C PRO B 286 -38.45 -11.27 -1.68
N GLN B 287 -39.01 -12.05 -2.62
CA GLN B 287 -40.35 -11.77 -3.12
C GLN B 287 -41.42 -11.98 -2.06
N THR B 288 -41.20 -12.96 -1.18
CA THR B 288 -42.09 -13.20 -0.06
C THR B 288 -41.24 -13.34 1.21
N GLU B 289 -41.87 -13.29 2.38
CA GLU B 289 -41.10 -13.41 3.62
C GLU B 289 -40.25 -14.69 3.67
N PRO B 290 -38.94 -14.52 3.85
CA PRO B 290 -38.07 -15.69 3.93
C PRO B 290 -38.31 -16.47 5.23
N PRO B 291 -37.93 -17.76 5.24
CA PRO B 291 -38.19 -18.64 6.39
C PRO B 291 -37.43 -18.21 7.64
N ALA B 292 -38.13 -18.22 8.78
CA ALA B 292 -37.51 -17.87 10.04
C ALA B 292 -36.82 -19.05 10.71
N SER B 293 -37.28 -20.27 10.41
CA SER B 293 -36.83 -21.45 11.15
C SER B 293 -35.72 -22.17 10.42
N ILE B 294 -34.83 -22.79 11.18
CA ILE B 294 -33.63 -23.40 10.60
C ILE B 294 -33.99 -24.58 9.71
N ASP B 295 -35.00 -25.36 10.07
CA ASP B 295 -35.38 -26.47 9.22
C ASP B 295 -35.87 -25.99 7.85
N ALA B 296 -36.65 -24.90 7.81
CA ALA B 296 -37.13 -24.35 6.55
C ALA B 296 -36.01 -23.66 5.74
N ILE B 297 -35.07 -23.03 6.45
CA ILE B 297 -33.91 -22.44 5.79
C ILE B 297 -33.07 -23.51 5.07
N VAL B 298 -32.79 -24.59 5.79
CA VAL B 298 -31.98 -25.65 5.21
C VAL B 298 -32.73 -26.30 4.04
N ALA B 299 -34.03 -26.52 4.22
CA ALA B 299 -34.83 -27.11 3.14
C ALA B 299 -34.85 -26.22 1.90
N ALA B 300 -34.82 -24.90 2.09
CA ALA B 300 -34.80 -23.99 0.96
C ALA B 300 -33.50 -24.11 0.19
N GLY B 301 -32.39 -24.31 0.90
CA GLY B 301 -31.10 -24.60 0.25
C GLY B 301 -30.65 -23.48 -0.66
N ALA B 302 -30.29 -23.84 -1.89
CA ALA B 302 -29.82 -22.84 -2.85
C ALA B 302 -30.92 -21.89 -3.30
N ASN B 303 -32.17 -22.22 -2.97
CA ASN B 303 -33.28 -21.28 -3.25
C ASN B 303 -33.57 -20.35 -2.08
N TRP B 304 -32.85 -20.51 -0.97
CA TRP B 304 -32.96 -19.57 0.15
C TRP B 304 -32.43 -18.22 -0.30
N TRP B 305 -33.25 -17.17 -0.18
CA TRP B 305 -32.88 -15.89 -0.75
C TRP B 305 -31.45 -15.37 -0.46
N PRO B 306 -31.01 -15.38 0.80
CA PRO B 306 -29.67 -14.82 1.05
C PRO B 306 -28.58 -15.56 0.30
N LEU B 307 -28.71 -16.90 0.17
CA LEU B 307 -27.74 -17.66 -0.60
C LEU B 307 -27.88 -17.42 -2.11
N LYS B 308 -29.13 -17.46 -2.61
CA LYS B 308 -29.38 -17.22 -4.01
C LYS B 308 -28.85 -15.85 -4.45
N PHE B 309 -29.23 -14.79 -3.72
CA PHE B 309 -28.71 -13.47 -4.02
C PHE B 309 -27.19 -13.38 -3.95
N ALA B 310 -26.58 -13.98 -2.93
CA ALA B 310 -25.13 -13.94 -2.87
C ALA B 310 -24.49 -14.55 -4.12
N ARG B 311 -25.00 -15.71 -4.53
CA ARG B 311 -24.45 -16.41 -5.69
C ARG B 311 -24.66 -15.63 -6.98
N GLU B 312 -25.85 -15.07 -7.13
CA GLU B 312 -26.15 -14.38 -8.39
C GLU B 312 -25.37 -13.07 -8.47
N PHE B 313 -25.31 -12.36 -7.36
CA PHE B 313 -24.51 -11.14 -7.28
C PHE B 313 -23.03 -11.42 -7.51
N ASP B 314 -22.48 -12.47 -6.90
CA ASP B 314 -21.08 -12.76 -7.15
C ASP B 314 -20.84 -13.04 -8.63
N ASP B 315 -21.75 -13.81 -9.26
CA ASP B 315 -21.58 -14.08 -10.68
C ASP B 315 -21.59 -12.80 -11.48
N ALA B 316 -22.48 -11.87 -11.13
CA ALA B 316 -22.59 -10.62 -11.87
C ALA B 316 -21.36 -9.75 -11.70
N ILE B 317 -20.85 -9.66 -10.47
CA ILE B 317 -19.63 -8.87 -10.20
C ILE B 317 -18.46 -9.41 -11.03
N LEU B 318 -18.30 -10.73 -11.00
CA LEU B 318 -17.21 -11.37 -11.73
C LEU B 318 -17.35 -11.21 -13.24
N SER B 319 -18.56 -11.41 -13.73
CA SER B 319 -18.83 -11.23 -15.17
C SER B 319 -18.54 -9.81 -15.65
N MET B 320 -19.05 -8.81 -14.94
CA MET B 320 -18.86 -7.44 -15.32
C MET B 320 -17.42 -6.98 -15.16
N ARG B 321 -16.74 -7.44 -14.10
CA ARG B 321 -15.31 -7.13 -13.96
C ARG B 321 -14.51 -7.60 -15.17
N THR B 322 -14.85 -8.81 -15.63
CA THR B 322 -14.01 -9.53 -16.58
C THR B 322 -14.34 -9.19 -18.03
N ASN B 323 -15.62 -9.02 -18.31
CA ASN B 323 -16.11 -8.97 -19.68
C ASN B 323 -16.52 -7.55 -20.14
N GLU B 324 -16.62 -6.60 -19.22
CA GLU B 324 -17.06 -5.26 -19.58
C GLU B 324 -16.10 -4.18 -19.08
N LEU B 325 -14.96 -4.05 -19.75
CA LEU B 325 -13.90 -3.17 -19.28
C LEU B 325 -14.16 -1.71 -19.55
N ALA B 326 -15.00 -1.41 -20.55
CA ALA B 326 -15.21 -0.02 -20.94
C ALA B 326 -16.32 0.60 -20.11
N VAL B 327 -17.10 -0.23 -19.45
CA VAL B 327 -18.22 0.25 -18.64
C VAL B 327 -17.69 0.53 -17.22
N GLY B 328 -17.15 1.73 -17.04
CA GLY B 328 -16.36 2.02 -15.85
C GLY B 328 -17.12 2.38 -14.58
N THR B 329 -18.41 2.72 -14.70
CA THR B 329 -19.21 3.03 -13.52
C THR B 329 -20.30 2.00 -13.30
N TRP B 330 -20.41 1.56 -12.04
CA TRP B 330 -21.53 0.71 -11.62
C TRP B 330 -22.43 1.52 -10.73
N VAL B 331 -23.72 1.48 -11.04
CA VAL B 331 -24.76 2.10 -10.23
C VAL B 331 -25.52 1.00 -9.49
N PHE B 332 -25.72 1.17 -8.20
CA PHE B 332 -26.50 0.22 -7.41
C PHE B 332 -27.87 0.80 -7.12
N ARG B 333 -28.89 0.03 -7.47
CA ARG B 333 -30.28 0.32 -7.14
C ARG B 333 -30.84 -0.92 -6.44
N THR B 334 -31.95 -0.74 -5.74
CA THR B 334 -32.63 -1.90 -5.14
C THR B 334 -34.12 -1.79 -5.33
N GLU B 335 -34.80 -2.93 -5.29
CA GLU B 335 -36.27 -2.91 -5.35
C GLU B 335 -36.81 -4.05 -4.53
N GLY B 336 -38.07 -3.91 -4.12
CA GLY B 336 -38.69 -4.88 -3.25
C GLY B 336 -39.06 -4.33 -1.90
N ASP B 337 -39.46 -5.24 -1.02
CA ASP B 337 -40.06 -4.88 0.26
C ASP B 337 -39.01 -4.97 1.36
N ALA B 338 -38.66 -3.83 1.95
CA ALA B 338 -37.68 -3.84 3.05
C ALA B 338 -38.03 -4.80 4.17
N ARG B 339 -39.31 -5.04 4.42
CA ARG B 339 -39.68 -5.92 5.52
C ARG B 339 -39.12 -7.33 5.29
N HIS B 340 -39.08 -7.76 4.03
CA HIS B 340 -38.54 -9.09 3.73
C HIS B 340 -37.02 -9.16 3.83
N LEU B 341 -36.34 -8.07 3.49
CA LEU B 341 -34.90 -7.97 3.74
C LEU B 341 -34.61 -8.04 5.22
N LEU B 342 -35.36 -7.28 6.02
CA LEU B 342 -35.10 -7.26 7.46
C LEU B 342 -35.39 -8.63 8.08
N ALA B 343 -36.41 -9.32 7.57
CA ALA B 343 -36.68 -10.67 8.03
C ALA B 343 -35.53 -11.63 7.66
N ALA B 344 -34.99 -11.46 6.47
CA ALA B 344 -33.81 -12.26 6.11
C ALA B 344 -32.68 -12.01 7.08
N ASP B 345 -32.38 -10.73 7.34
CA ASP B 345 -31.30 -10.37 8.25
C ASP B 345 -31.51 -10.92 9.64
N ALA B 346 -32.77 -10.87 10.12
CA ALA B 346 -33.07 -11.36 11.45
C ALA B 346 -32.76 -12.86 11.53
N SER B 347 -33.01 -13.58 10.45
CA SER B 347 -32.72 -14.99 10.44
C SER B 347 -31.22 -15.26 10.38
N LEU B 348 -30.47 -14.41 9.67
CA LEU B 348 -29.02 -14.56 9.65
C LEU B 348 -28.45 -14.38 11.05
N MET B 349 -28.95 -13.36 11.75
CA MET B 349 -28.40 -13.07 13.07
C MET B 349 -28.77 -14.14 14.08
N GLN B 350 -30.00 -14.65 14.02
CA GLN B 350 -30.44 -15.60 15.02
C GLN B 350 -29.70 -16.92 14.85
N HIS B 351 -29.48 -17.31 13.58
CA HIS B 351 -29.02 -18.65 13.26
C HIS B 351 -27.56 -18.66 12.82
N LYS B 352 -26.83 -17.60 13.14
CA LYS B 352 -25.47 -17.48 12.60
C LYS B 352 -24.49 -18.56 13.03
N ASP B 353 -24.81 -19.31 14.08
CA ASP B 353 -23.92 -20.38 14.54
C ASP B 353 -24.18 -21.69 13.82
N HIS B 354 -25.31 -21.77 13.11
CA HIS B 354 -25.64 -22.99 12.36
C HIS B 354 -24.73 -23.09 11.15
N TRP B 355 -24.19 -24.28 10.87
CA TRP B 355 -23.19 -24.38 9.79
C TRP B 355 -23.61 -23.77 8.46
N PHE B 356 -24.87 -23.94 8.07
CA PHE B 356 -25.32 -23.54 6.73
C PHE B 356 -25.58 -22.03 6.67
N VAL B 357 -26.24 -21.52 7.71
CA VAL B 357 -26.46 -20.09 7.79
C VAL B 357 -25.09 -19.39 7.88
N ARG B 358 -24.19 -19.93 8.70
CA ARG B 358 -22.84 -19.39 8.81
C ARG B 358 -22.12 -19.38 7.44
N GLU B 359 -22.22 -20.48 6.69
CA GLU B 359 -21.61 -20.55 5.36
C GLU B 359 -22.20 -19.50 4.43
N THR B 360 -23.51 -19.30 4.52
CA THR B 360 -24.18 -18.34 3.65
C THR B 360 -23.75 -16.92 3.98
N ILE B 361 -23.66 -16.61 5.28
CA ILE B 361 -23.10 -15.34 5.73
C ILE B 361 -21.70 -15.18 5.15
N GLY B 362 -20.92 -16.26 5.17
CA GLY B 362 -19.56 -16.23 4.61
C GLY B 362 -19.52 -15.84 3.16
N LEU B 363 -20.42 -16.43 2.36
CA LEU B 363 -20.42 -16.08 0.94
C LEU B 363 -20.86 -14.63 0.75
N LEU B 364 -21.86 -14.17 1.51
CA LEU B 364 -22.23 -12.76 1.44
C LEU B 364 -21.04 -11.87 1.79
N ARG B 365 -20.35 -12.19 2.88
CA ARG B 365 -19.17 -11.44 3.29
C ARG B 365 -18.12 -11.41 2.16
N ARG B 366 -17.73 -12.57 1.65
CA ARG B 366 -16.72 -12.59 0.58
C ARG B 366 -17.15 -11.87 -0.70
N THR B 367 -18.42 -12.00 -1.04
CA THR B 367 -18.95 -11.38 -2.24
C THR B 367 -18.98 -9.87 -2.12
N LEU B 368 -19.54 -9.37 -1.03
CA LEU B 368 -19.52 -7.91 -0.82
C LEU B 368 -18.06 -7.40 -0.78
N ALA B 369 -17.15 -8.21 -0.24
CA ALA B 369 -15.74 -7.81 -0.13
C ALA B 369 -15.05 -7.69 -1.49
N ARG B 370 -15.65 -8.29 -2.53
CA ARG B 370 -15.15 -8.07 -3.89
C ARG B 370 -15.45 -6.64 -4.36
N ILE B 371 -16.52 -6.06 -3.86
CA ILE B 371 -16.94 -4.73 -4.34
C ILE B 371 -15.90 -3.66 -4.06
N ASP B 372 -15.42 -3.60 -2.82
CA ASP B 372 -14.54 -2.49 -2.41
C ASP B 372 -13.24 -2.45 -3.20
N VAL B 373 -12.78 -3.62 -3.64
CA VAL B 373 -11.53 -3.72 -4.39
C VAL B 373 -11.74 -3.80 -5.89
N SER B 374 -12.97 -3.59 -6.36
CA SER B 374 -13.23 -3.59 -7.82
C SER B 374 -12.81 -2.27 -8.45
N SER B 375 -12.19 -2.37 -9.63
CA SER B 375 -11.75 -1.21 -10.41
C SER B 375 -12.88 -0.61 -11.26
N ARG B 376 -13.93 -0.21 -10.58
CA ARG B 376 -15.08 0.47 -11.17
C ARG B 376 -15.51 1.53 -10.16
N SER B 377 -15.95 2.69 -10.63
CA SER B 377 -16.59 3.67 -9.73
C SER B 377 -17.94 3.13 -9.32
N LEU B 378 -18.36 3.48 -8.10
CA LEU B 378 -19.56 2.90 -7.51
C LEU B 378 -20.45 4.04 -7.01
N PHE B 379 -21.63 4.16 -7.60
CA PHE B 379 -22.62 5.14 -7.12
C PHE B 379 -23.86 4.37 -6.68
N ALA B 380 -24.36 4.65 -5.48
CA ALA B 380 -25.65 4.10 -5.06
C ALA B 380 -26.70 5.19 -5.21
N LEU B 381 -27.80 4.86 -5.91
CA LEU B 381 -28.93 5.77 -6.10
C LEU B 381 -30.14 5.22 -5.34
N ILE B 382 -30.53 5.94 -4.29
CA ILE B 382 -31.62 5.51 -3.40
C ILE B 382 -32.87 6.27 -3.83
N GLU B 383 -33.63 5.68 -4.74
CA GLU B 383 -34.75 6.37 -5.39
C GLU B 383 -36.08 5.93 -4.79
N PRO B 384 -37.17 6.62 -5.14
CA PRO B 384 -38.44 6.23 -4.57
C PRO B 384 -38.76 4.76 -4.93
N GLY B 385 -39.29 4.00 -3.97
CA GLY B 385 -39.60 2.60 -4.22
C GLY B 385 -38.48 1.61 -3.93
N SER B 386 -37.29 2.11 -3.64
CA SER B 386 -36.17 1.25 -3.37
C SER B 386 -36.25 0.66 -1.99
N CYS B 387 -35.25 -0.16 -1.66
CA CYS B 387 -35.22 -0.84 -0.38
C CYS B 387 -33.80 -1.08 0.10
N PHE B 388 -33.11 0.02 0.33
CA PHE B 388 -31.77 0.00 0.92
C PHE B 388 -31.88 -0.26 2.44
N ALA B 389 -32.11 -1.53 2.78
CA ALA B 389 -32.36 -1.96 4.14
C ALA B 389 -31.47 -3.13 4.47
N GLY B 390 -30.85 -3.07 5.66
CA GLY B 390 -30.05 -4.20 6.16
C GLY B 390 -28.94 -4.58 5.20
N THR B 391 -28.85 -5.87 4.84
CA THR B 391 -27.87 -6.31 3.87
C THR B 391 -27.81 -5.44 2.63
N PHE B 392 -28.96 -5.00 2.12
CA PHE B 392 -28.95 -4.13 0.93
C PHE B 392 -28.36 -2.74 1.18
N ALA B 393 -28.41 -2.25 2.42
CA ALA B 393 -27.82 -0.94 2.69
C ALA B 393 -26.31 -0.99 2.53
N GLU B 394 -25.72 -2.18 2.56
CA GLU B 394 -24.29 -2.29 2.28
C GLU B 394 -23.93 -1.79 0.88
N LEU B 395 -24.88 -1.85 -0.04
CA LEU B 395 -24.62 -1.35 -1.38
C LEU B 395 -24.45 0.18 -1.35
N ALA B 396 -25.13 0.85 -0.43
CA ALA B 396 -24.91 2.29 -0.25
C ALA B 396 -23.57 2.53 0.43
N PHE B 397 -23.29 1.76 1.48
CA PHE B 397 -22.10 2.05 2.26
C PHE B 397 -20.82 1.62 1.56
N ALA B 398 -20.92 0.77 0.55
CA ALA B 398 -19.75 0.41 -0.27
C ALA B 398 -19.40 1.48 -1.30
N ALA B 399 -20.36 2.36 -1.60
CA ALA B 399 -20.22 3.21 -2.78
C ALA B 399 -19.33 4.44 -2.57
N ASP B 400 -18.71 4.89 -3.66
CA ASP B 400 -17.96 6.15 -3.67
C ASP B 400 -18.85 7.36 -3.39
N ARG B 401 -20.08 7.30 -3.87
CA ARG B 401 -21.09 8.32 -3.56
C ARG B 401 -22.45 7.66 -3.49
N THR B 402 -23.28 8.19 -2.60
CA THR B 402 -24.66 7.76 -2.43
C THR B 402 -25.59 8.96 -2.46
N TYR B 403 -26.52 8.96 -3.39
CA TYR B 403 -27.52 10.03 -3.52
C TYR B 403 -28.89 9.47 -3.18
N MET B 404 -29.67 10.24 -2.43
CA MET B 404 -30.97 9.76 -1.96
C MET B 404 -32.05 10.79 -2.28
N ALA B 405 -33.20 10.32 -2.75
CA ALA B 405 -34.20 11.20 -3.35
C ALA B 405 -35.15 11.86 -2.34
N ALA B 406 -34.92 13.14 -2.08
CA ALA B 406 -35.83 13.92 -1.23
C ALA B 406 -37.01 14.38 -2.09
N LEU B 407 -38.20 14.37 -1.50
CA LEU B 407 -39.40 14.81 -2.22
C LEU B 407 -40.20 15.76 -1.32
N PRO B 408 -39.74 17.01 -1.21
CA PRO B 408 -40.31 18.00 -0.29
C PRO B 408 -41.80 18.17 -0.49
N ALA B 409 -42.26 17.98 -1.72
CA ALA B 409 -43.67 18.20 -2.06
C ALA B 409 -44.50 16.91 -2.04
N ASN B 410 -43.85 15.77 -1.76
CA ASN B 410 -44.50 14.47 -1.75
C ASN B 410 -43.77 13.54 -0.78
N GLU B 411 -43.71 13.97 0.48
CA GLU B 411 -42.84 13.32 1.46
C GLU B 411 -43.21 11.87 1.73
N ASP B 412 -44.48 11.52 1.57
CA ASP B 412 -44.91 10.16 1.83
C ASP B 412 -44.29 9.18 0.85
N GLU B 413 -43.79 9.67 -0.28
CA GLU B 413 -43.21 8.80 -1.30
C GLU B 413 -41.69 8.70 -1.18
N GLU B 414 -41.11 9.39 -0.20
CA GLU B 414 -39.65 9.34 -0.07
C GLU B 414 -39.21 7.94 0.32
N PRO B 415 -38.06 7.50 -0.21
CA PRO B 415 -37.49 6.22 0.18
C PRO B 415 -36.86 6.32 1.57
N ALA B 416 -36.49 5.17 2.14
CA ALA B 416 -35.85 5.14 3.44
C ALA B 416 -34.62 4.27 3.38
N ILE B 417 -33.62 4.62 4.18
CA ILE B 417 -32.54 3.68 4.51
C ILE B 417 -32.89 3.07 5.87
N THR B 418 -32.78 1.75 5.99
CA THR B 418 -33.09 1.10 7.24
C THR B 418 -31.91 0.24 7.62
N LEU B 419 -31.31 0.53 8.76
CA LEU B 419 -30.17 -0.26 9.22
C LEU B 419 -30.63 -1.49 9.98
N SER B 420 -29.85 -2.55 9.86
CA SER B 420 -30.01 -3.70 10.75
C SER B 420 -28.68 -4.02 11.41
N GLU B 421 -28.70 -5.02 12.28
CA GLU B 421 -27.48 -5.43 12.96
C GLU B 421 -26.39 -5.86 11.99
N VAL B 422 -26.76 -6.32 10.80
CA VAL B 422 -25.74 -6.80 9.86
C VAL B 422 -24.79 -5.69 9.42
N ASN B 423 -25.24 -4.44 9.54
CA ASN B 423 -24.44 -3.29 9.09
C ASN B 423 -23.37 -2.93 10.07
N PHE B 424 -23.30 -3.66 11.17
CA PHE B 424 -22.35 -3.31 12.22
C PHE B 424 -21.39 -4.44 12.47
N GLY B 425 -20.94 -5.07 11.38
CA GLY B 425 -19.81 -6.00 11.51
C GLY B 425 -19.98 -7.35 10.85
N LEU B 426 -21.18 -7.67 10.37
CA LEU B 426 -21.38 -9.01 9.79
C LEU B 426 -20.66 -9.16 8.44
N TYR B 427 -20.46 -8.05 7.74
CA TYR B 427 -19.91 -8.10 6.39
C TYR B 427 -18.67 -7.19 6.28
N PRO B 428 -17.62 -7.50 7.05
CA PRO B 428 -16.45 -6.62 6.98
C PRO B 428 -15.85 -6.53 5.58
N MET B 429 -15.34 -5.35 5.24
CA MET B 429 -14.50 -5.23 4.06
C MET B 429 -13.13 -5.81 4.44
N VAL B 430 -12.19 -5.83 3.50
CA VAL B 430 -10.91 -6.49 3.78
C VAL B 430 -10.01 -5.72 4.73
N THR B 431 -10.41 -4.51 5.14
CA THR B 431 -9.77 -3.82 6.27
C THR B 431 -10.20 -4.42 7.62
N HIS B 432 -11.15 -5.36 7.57
CA HIS B 432 -11.75 -6.02 8.75
C HIS B 432 -12.80 -5.16 9.42
N GLN B 433 -13.07 -3.98 8.85
CA GLN B 433 -14.12 -3.09 9.35
C GLN B 433 -15.44 -3.29 8.63
N SER B 434 -16.54 -3.02 9.32
CA SER B 434 -17.80 -2.81 8.61
C SER B 434 -17.64 -1.57 7.72
N ARG B 435 -18.44 -1.52 6.67
CA ARG B 435 -18.39 -0.37 5.77
C ARG B 435 -18.81 0.91 6.48
N LEU B 436 -19.77 0.82 7.41
CA LEU B 436 -20.15 1.99 8.20
C LEU B 436 -19.02 2.44 9.12
N ALA B 437 -18.33 1.49 9.77
CA ALA B 437 -17.21 1.87 10.63
C ALA B 437 -16.14 2.59 9.81
N ARG B 438 -15.83 2.06 8.62
CA ARG B 438 -14.91 2.73 7.71
C ARG B 438 -15.45 4.12 7.33
N ARG B 439 -16.73 4.18 7.00
CA ARG B 439 -17.33 5.45 6.59
C ARG B 439 -17.12 6.56 7.62
N PHE B 440 -17.26 6.23 8.91
CA PHE B 440 -17.15 7.24 9.95
C PHE B 440 -15.82 7.21 10.71
N TYR B 441 -14.80 6.55 10.14
CA TYR B 441 -13.47 6.50 10.78
C TYR B 441 -13.54 5.94 12.20
N GLU B 442 -14.47 5.04 12.44
CA GLU B 442 -14.66 4.43 13.76
C GLU B 442 -15.00 5.44 14.84
N GLU B 443 -15.48 6.62 14.44
CA GLU B 443 -15.80 7.66 15.41
C GLU B 443 -17.08 7.29 16.16
N THR B 444 -17.03 7.34 17.49
CA THR B 444 -18.14 6.80 18.27
C THR B 444 -19.39 7.68 18.18
N GLU B 445 -19.26 8.99 18.09
CA GLU B 445 -20.46 9.81 18.02
C GLU B 445 -21.36 9.49 16.81
N PRO B 446 -20.81 9.51 15.59
CA PRO B 446 -21.73 9.22 14.48
C PRO B 446 -22.17 7.77 14.45
N LEU B 447 -21.31 6.86 14.87
CA LEU B 447 -21.73 5.44 14.90
C LEU B 447 -22.81 5.17 15.95
N ASP B 448 -22.66 5.79 17.11
CA ASP B 448 -23.70 5.62 18.18
C ASP B 448 -25.02 6.19 17.70
N ALA B 449 -24.97 7.31 16.97
CA ALA B 449 -26.20 7.94 16.51
C ALA B 449 -26.96 7.01 15.57
N VAL B 450 -26.26 6.38 14.64
CA VAL B 450 -26.95 5.49 13.71
C VAL B 450 -27.31 4.14 14.36
N ARG B 451 -26.48 3.64 15.27
CA ARG B 451 -26.82 2.42 15.98
C ARG B 451 -28.12 2.59 16.76
N SER B 452 -28.31 3.77 17.37
CA SER B 452 -29.54 4.04 18.10
C SER B 452 -30.77 3.93 17.22
N ARG B 453 -30.59 4.14 15.92
CA ARG B 453 -31.67 4.20 14.94
C ARG B 453 -31.85 2.90 14.12
N ILE B 454 -31.19 1.83 14.53
CA ILE B 454 -31.41 0.52 13.87
C ILE B 454 -32.89 0.20 13.77
N GLY B 455 -33.30 -0.23 12.59
CA GLY B 455 -34.69 -0.62 12.38
C GLY B 455 -35.63 0.51 12.02
N GLN B 456 -35.19 1.76 12.18
CA GLN B 456 -36.05 2.90 11.82
C GLN B 456 -35.92 3.20 10.34
N ALA B 457 -37.03 3.65 9.75
CA ALA B 457 -37.02 4.07 8.34
C ALA B 457 -36.46 5.50 8.27
N ILE B 458 -35.16 5.61 7.99
CA ILE B 458 -34.52 6.93 7.92
C ILE B 458 -34.73 7.58 6.56
N LYS B 459 -35.38 8.75 6.56
CA LYS B 459 -35.77 9.39 5.32
C LYS B 459 -34.65 10.30 4.81
N PRO B 460 -34.79 10.82 3.59
CA PRO B 460 -33.63 11.48 2.93
C PRO B 460 -32.94 12.62 3.69
N VAL B 461 -33.71 13.55 4.21
CA VAL B 461 -33.08 14.69 4.89
C VAL B 461 -32.30 14.22 6.12
N GLU B 462 -32.92 13.34 6.91
CA GLU B 462 -32.28 12.83 8.08
C GLU B 462 -31.07 11.98 7.73
N ALA B 463 -31.18 11.18 6.66
CA ALA B 463 -30.06 10.33 6.24
C ALA B 463 -28.85 11.19 5.91
N GLU B 464 -29.08 12.29 5.20
CA GLU B 464 -27.99 13.23 4.93
C GLU B 464 -27.44 13.86 6.21
N ARG B 465 -28.32 14.24 7.14
CA ARG B 465 -27.89 14.89 8.37
C ARG B 465 -27.01 13.97 9.19
N LEU B 466 -27.36 12.69 9.22
CA LEU B 466 -26.58 11.68 9.94
C LEU B 466 -25.33 11.23 9.21
N GLY B 467 -25.15 11.72 7.97
CA GLY B 467 -23.95 11.39 7.19
C GLY B 467 -23.99 10.03 6.52
N LEU B 468 -25.17 9.44 6.46
CA LEU B 468 -25.34 8.13 5.84
C LEU B 468 -25.33 8.13 4.32
N VAL B 469 -25.56 9.31 3.72
CA VAL B 469 -25.54 9.46 2.27
C VAL B 469 -24.73 10.69 1.94
N THR B 470 -24.33 10.79 0.69
CA THR B 470 -23.55 11.93 0.24
C THR B 470 -24.37 13.20 0.13
N ALA B 471 -25.56 13.03 -0.44
CA ALA B 471 -26.48 14.16 -0.62
C ALA B 471 -27.87 13.61 -0.84
N SER B 472 -28.87 14.44 -0.54
CA SER B 472 -30.24 14.06 -0.79
C SER B 472 -30.91 15.13 -1.65
N PRO B 473 -30.57 15.15 -2.95
CA PRO B 473 -31.15 16.13 -3.85
C PRO B 473 -32.65 15.97 -3.93
N ASP B 474 -33.36 17.09 -3.97
CA ASP B 474 -34.81 17.06 -4.18
C ASP B 474 -35.17 16.81 -5.67
N ASP B 475 -36.46 16.80 -5.97
CA ASP B 475 -36.93 16.39 -7.28
C ASP B 475 -36.59 17.43 -8.35
N ILE B 476 -36.25 18.63 -7.92
CA ILE B 476 -35.86 19.65 -8.89
C ILE B 476 -34.37 19.52 -9.23
N ASP B 477 -33.56 19.20 -8.22
CA ASP B 477 -32.10 19.15 -8.38
C ASP B 477 -31.61 17.78 -8.82
N TRP B 478 -32.39 16.74 -8.58
CA TRP B 478 -31.92 15.35 -8.73
C TRP B 478 -31.37 15.04 -10.12
N ALA B 479 -32.16 15.27 -11.15
CA ALA B 479 -31.77 14.85 -12.50
C ALA B 479 -30.41 15.37 -12.91
N ASP B 480 -30.20 16.69 -12.77
CA ASP B 480 -28.96 17.27 -13.21
C ASP B 480 -27.81 16.84 -12.31
N GLU B 481 -28.06 16.75 -11.00
CA GLU B 481 -26.95 16.49 -10.08
C GLU B 481 -26.39 15.08 -10.37
N ILE B 482 -27.30 14.13 -10.54
CA ILE B 482 -26.89 12.75 -10.79
C ILE B 482 -26.35 12.60 -12.23
N ARG B 483 -27.03 13.16 -13.23
CA ARG B 483 -26.52 13.10 -14.60
C ARG B 483 -25.12 13.69 -14.73
N ILE B 484 -24.90 14.86 -14.13
CA ILE B 484 -23.61 15.54 -14.25
C ILE B 484 -22.49 14.74 -13.56
N ALA B 485 -22.78 14.25 -12.37
CA ALA B 485 -21.83 13.36 -11.68
C ALA B 485 -21.45 12.15 -12.53
N LEU B 486 -22.42 11.54 -13.21
CA LEU B 486 -22.15 10.37 -14.05
C LEU B 486 -21.42 10.75 -15.34
N GLU B 487 -21.76 11.89 -15.91
CA GLU B 487 -21.00 12.39 -17.06
C GLU B 487 -19.55 12.65 -16.69
N GLU B 488 -19.33 13.27 -15.54
CA GLU B 488 -17.97 13.54 -15.10
C GLU B 488 -17.21 12.24 -14.87
N ARG B 489 -17.91 11.23 -14.34
CA ARG B 489 -17.27 9.93 -14.10
C ARG B 489 -16.82 9.29 -15.39
N ALA B 490 -17.58 9.51 -16.47
CA ALA B 490 -17.24 8.90 -17.74
C ALA B 490 -16.15 9.70 -18.47
N ALA B 491 -16.06 10.99 -18.16
CA ALA B 491 -15.13 11.88 -18.86
C ALA B 491 -13.73 11.88 -18.25
N MET B 492 -13.63 11.54 -16.97
CA MET B 492 -12.33 11.55 -16.32
C MET B 492 -11.50 10.32 -16.72
N SER B 493 -10.19 10.40 -16.49
CA SER B 493 -9.35 9.25 -16.80
C SER B 493 -9.70 8.04 -15.91
N PRO B 494 -9.99 6.88 -16.51
CA PRO B 494 -10.24 5.70 -15.66
C PRO B 494 -9.04 5.34 -14.77
N ASP B 495 -7.83 5.60 -15.24
CA ASP B 495 -6.64 5.27 -14.45
C ASP B 495 -6.65 6.06 -13.15
N ALA B 496 -6.95 7.36 -13.26
CA ALA B 496 -6.94 8.24 -12.10
C ALA B 496 -8.08 7.91 -11.16
N LEU B 497 -9.23 7.54 -11.72
CA LEU B 497 -10.37 7.22 -10.86
C LEU B 497 -10.07 5.96 -10.07
N THR B 498 -9.52 4.93 -10.71
CA THR B 498 -9.29 3.69 -9.98
C THR B 498 -8.26 3.95 -8.86
N GLY B 499 -7.23 4.75 -9.16
CA GLY B 499 -6.23 5.08 -8.16
C GLY B 499 -6.84 5.89 -7.02
N LEU B 500 -7.73 6.82 -7.36
CA LEU B 500 -8.35 7.65 -6.33
C LEU B 500 -9.20 6.75 -5.41
N GLU B 501 -10.02 5.92 -6.03
CA GLU B 501 -10.89 5.00 -5.31
C GLU B 501 -10.12 4.05 -4.38
N ALA B 502 -8.96 3.57 -4.84
CA ALA B 502 -8.15 2.67 -4.02
C ALA B 502 -7.61 3.36 -2.79
N ASN B 503 -7.47 4.69 -2.85
CA ASN B 503 -7.03 5.44 -1.68
C ASN B 503 -8.13 5.95 -0.78
N LEU B 504 -9.25 6.41 -1.37
CA LEU B 504 -10.34 6.93 -0.57
C LEU B 504 -11.15 5.86 0.14
N ARG B 505 -11.36 4.72 -0.50
CA ARG B 505 -12.13 3.64 0.15
C ARG B 505 -11.35 3.00 1.30
N PHE B 506 -10.03 2.94 1.14
CA PHE B 506 -9.12 2.35 2.13
C PHE B 506 -8.52 3.49 2.92
N ASN B 507 -9.36 4.04 3.78
CA ASN B 507 -9.13 5.36 4.35
C ASN B 507 -8.38 5.38 5.69
N GLY B 508 -7.71 4.30 6.03
CA GLY B 508 -6.85 4.31 7.23
C GLY B 508 -6.13 3.00 7.49
N PRO B 509 -6.84 2.06 8.12
CA PRO B 509 -6.19 0.84 8.60
C PRO B 509 -5.81 -0.11 7.47
N GLU B 510 -4.66 -0.75 7.64
CA GLU B 510 -4.24 -1.79 6.71
C GLU B 510 -4.19 -3.15 7.43
N THR B 511 -4.34 -4.19 6.63
CA THR B 511 -4.30 -5.57 7.09
C THR B 511 -3.51 -6.37 6.08
N MET B 512 -3.34 -7.67 6.33
CA MET B 512 -2.63 -8.47 5.32
C MET B 512 -3.35 -8.34 3.97
N GLU B 513 -4.69 -8.33 3.99
CA GLU B 513 -5.43 -8.37 2.73
C GLU B 513 -5.40 -7.02 2.02
N THR B 514 -5.47 -5.92 2.77
CA THR B 514 -5.31 -4.62 2.11
C THR B 514 -3.89 -4.45 1.55
N ARG B 515 -2.91 -5.05 2.23
CA ARG B 515 -1.54 -5.02 1.70
C ARG B 515 -1.42 -5.84 0.41
N ILE B 516 -2.11 -6.97 0.35
CA ILE B 516 -2.10 -7.76 -0.87
C ILE B 516 -2.67 -6.94 -2.04
N PHE B 517 -3.80 -6.27 -1.83
CA PHE B 517 -4.44 -5.49 -2.91
C PHE B 517 -3.82 -4.11 -3.10
N GLY B 518 -3.01 -3.68 -2.12
CA GLY B 518 -2.47 -2.32 -2.09
C GLY B 518 -1.00 -2.32 -2.42
N ARG B 519 -0.16 -2.30 -1.38
CA ARG B 519 1.30 -2.31 -1.54
C ARG B 519 1.78 -3.35 -2.55
N LEU B 520 1.31 -4.59 -2.43
CA LEU B 520 1.81 -5.63 -3.31
C LEU B 520 1.27 -5.46 -4.73
N THR B 521 -0.04 -5.44 -4.88
CA THR B 521 -0.64 -5.38 -6.20
C THR B 521 -0.32 -4.11 -6.98
N ALA B 522 -0.27 -2.95 -6.30
CA ALA B 522 -0.01 -1.72 -7.04
C ALA B 522 1.41 -1.74 -7.60
N TRP B 523 2.36 -2.28 -6.84
CA TRP B 523 3.74 -2.44 -7.36
C TRP B 523 3.77 -3.42 -8.53
N GLN B 524 3.06 -4.54 -8.40
CA GLN B 524 2.97 -5.50 -9.49
C GLN B 524 2.40 -4.87 -10.76
N ASN B 525 1.34 -4.06 -10.57
CA ASN B 525 0.70 -3.44 -11.72
C ASN B 525 1.64 -2.50 -12.46
N TRP B 526 2.43 -1.73 -11.71
CA TRP B 526 3.42 -0.85 -12.33
C TRP B 526 4.44 -1.71 -13.10
N ILE B 527 4.88 -2.82 -12.50
CA ILE B 527 5.86 -3.68 -13.15
C ILE B 527 5.27 -4.28 -14.43
N PHE B 528 4.01 -4.71 -14.34
CA PHE B 528 3.29 -5.32 -15.45
C PHE B 528 3.10 -4.38 -16.63
N ASN B 529 3.25 -3.08 -16.44
CA ASN B 529 2.98 -2.15 -17.54
C ASN B 529 4.25 -1.61 -18.15
N ARG B 530 5.36 -2.28 -17.89
CA ARG B 530 6.66 -1.79 -18.34
C ARG B 530 7.39 -2.85 -19.13
N PRO B 531 8.27 -2.41 -20.05
CA PRO B 531 8.86 -3.33 -21.02
C PRO B 531 9.82 -4.37 -20.44
N ASN B 532 10.44 -4.10 -19.30
CA ASN B 532 11.35 -5.13 -18.76
C ASN B 532 10.59 -6.45 -18.54
N ALA B 533 9.33 -6.36 -18.09
CA ALA B 533 8.55 -7.56 -17.88
C ALA B 533 7.78 -7.98 -19.13
N VAL B 534 7.15 -7.03 -19.82
CA VAL B 534 6.15 -7.40 -20.83
C VAL B 534 6.52 -7.03 -22.28
N GLY B 535 7.69 -6.43 -22.46
CA GLY B 535 8.14 -5.98 -23.78
C GLY B 535 8.51 -7.15 -24.66
N GLU B 536 8.68 -6.90 -25.96
CA GLU B 536 8.96 -8.01 -26.87
C GLU B 536 10.27 -8.71 -26.55
N LYS B 537 11.18 -7.97 -25.93
CA LYS B 537 12.47 -8.52 -25.56
C LYS B 537 12.54 -8.71 -24.03
N GLY B 538 11.39 -8.65 -23.37
CA GLY B 538 11.34 -8.72 -21.90
C GLY B 538 11.35 -10.12 -21.33
N ALA B 539 11.28 -10.20 -19.99
CA ALA B 539 11.47 -11.48 -19.31
C ALA B 539 10.39 -12.51 -19.63
N LEU B 540 9.11 -12.10 -19.66
CA LEU B 540 8.06 -13.05 -19.92
C LEU B 540 8.16 -13.60 -21.34
N LYS B 541 8.42 -12.72 -22.31
CA LYS B 541 8.35 -13.17 -23.70
C LYS B 541 9.56 -13.97 -24.14
N VAL B 542 10.72 -13.75 -23.53
CA VAL B 542 11.91 -14.58 -23.85
C VAL B 542 11.91 -15.97 -23.19
N TYR B 543 10.97 -16.22 -22.27
CA TYR B 543 10.99 -17.47 -21.53
C TYR B 543 11.04 -18.69 -22.47
N GLY B 544 12.00 -19.57 -22.25
CA GLY B 544 12.14 -20.80 -23.02
C GLY B 544 12.84 -20.64 -24.36
N LYS B 545 13.21 -19.41 -24.72
CA LYS B 545 13.78 -19.17 -26.03
C LYS B 545 15.30 -19.33 -26.09
N GLY B 546 15.94 -19.40 -24.92
CA GLY B 546 17.40 -19.54 -24.88
C GLY B 546 18.16 -18.23 -25.05
N SER B 547 17.42 -17.12 -25.09
CA SER B 547 18.00 -15.79 -25.27
C SER B 547 17.95 -14.98 -23.99
N LYS B 548 18.73 -13.91 -23.97
CA LYS B 548 18.82 -13.03 -22.82
C LYS B 548 17.75 -11.92 -22.88
N ALA B 549 16.97 -11.79 -21.81
CA ALA B 549 16.01 -10.69 -21.73
C ALA B 549 16.78 -9.38 -21.79
N GLN B 550 16.22 -8.36 -22.43
CA GLN B 550 16.89 -7.06 -22.43
C GLN B 550 16.18 -6.13 -21.47
N PHE B 551 16.94 -5.55 -20.54
CA PHE B 551 16.35 -4.66 -19.54
C PHE B 551 16.86 -3.25 -19.68
N ASP B 552 15.98 -2.29 -19.44
CA ASP B 552 16.38 -0.93 -19.14
C ASP B 552 16.85 -0.98 -17.68
N VAL B 553 18.14 -0.73 -17.44
CA VAL B 553 18.69 -0.93 -16.09
C VAL B 553 18.42 0.23 -15.10
N SER B 554 17.82 1.31 -15.56
CA SER B 554 17.65 2.45 -14.64
C SER B 554 16.56 2.29 -13.56
N ARG B 555 16.87 2.72 -12.35
CA ARG B 555 15.91 2.67 -11.25
C ARG B 555 14.95 3.86 -11.30
N VAL B 556 13.80 3.71 -10.67
CA VAL B 556 12.74 4.71 -10.64
C VAL B 556 12.36 4.94 -9.18
C1 BME C . 3.56 15.24 -8.45
C2 BME C . 3.58 14.91 -6.96
O1 BME C . 2.43 14.63 -9.00
S2 BME C . 3.57 13.13 -6.62
C1 BME D . 5.35 25.05 -2.29
C2 BME D . 4.73 26.44 -2.24
O1 BME D . 6.47 25.09 -3.15
S2 BME D . 3.86 26.84 -3.80
C1 GOL E . 27.39 -19.27 17.50
O1 GOL E . 27.22 -20.67 17.57
C2 GOL E . 27.83 -18.69 18.84
O2 GOL E . 29.01 -17.92 18.69
C3 GOL E . 26.71 -17.81 19.35
O3 GOL E . 27.12 -17.04 20.46
C1 GOL F . 8.16 7.75 13.65
O1 GOL F . 8.46 7.37 12.33
C2 GOL F . 7.75 9.23 13.72
O2 GOL F . 7.58 9.63 15.07
C3 GOL F . 8.80 10.14 13.10
O3 GOL F . 8.31 11.47 13.14
C1 BME G . 0.35 -13.21 -11.82
C2 BME G . -0.25 -13.15 -10.42
O1 BME G . 1.62 -12.56 -11.86
S2 BME G . -0.43 -11.47 -9.80
C1 BME H . -3.24 -23.90 -8.72
C2 BME H . -2.61 -25.29 -8.78
O1 BME H . -3.93 -23.63 -9.91
S2 BME H . -1.19 -25.37 -9.91
C1 GOL I . -12.58 -12.10 6.89
O1 GOL I . -12.14 -13.44 6.87
C2 GOL I . -11.85 -11.34 7.98
O2 GOL I . -12.19 -11.96 9.21
C3 GOL I . -12.22 -9.85 7.99
O3 GOL I . -12.08 -9.24 6.72
C1 GOL J . 6.10 -25.04 -17.63
O1 GOL J . 5.80 -24.90 -18.99
C2 GOL J . 5.32 -24.00 -16.83
O2 GOL J . 5.73 -24.04 -15.46
C3 GOL J . 5.57 -22.62 -17.43
O3 GOL J . 4.72 -21.65 -16.82
#